data_6MLS
#
_entry.id   6MLS
#
_cell.length_a   59.640
_cell.length_b   133.510
_cell.length_c   143.080
_cell.angle_alpha   90.000
_cell.angle_beta   90.000
_cell.angle_gamma   90.000
#
_symmetry.space_group_name_H-M   'P 2 21 21'
#
loop_
_entity.id
_entity.type
_entity.pdbx_description
1 polymer 'Tyrosine phenol-lyase'
2 polymer 'Tyrosine phenol-lyase'
3 non-polymer 'POTASSIUM ION'
4 non-polymer pyridin-4-ol
5 non-polymer '2-{[(E)-{3-hydroxy-2-methyl-5-[(phosphonooxy)methyl]pyridin-4-yl}methylidene]amino}prop-2-enoic acid'
6 non-polymer 3,6,9,12,15,18-HEXAOXAICOSANE-1,20-DIOL
7 water water
#
loop_
_entity_poly.entity_id
_entity_poly.type
_entity_poly.pdbx_seq_one_letter_code
_entity_poly.pdbx_strand_id
1 'polypeptide(L)'
;MNYPAEPFRIKSVETVSMIPRDERLKKMQEAGYNTFLLNSKDIYIDLLTDSGTNAMSDKQWAGMMMGDEAYAGSENFYHL
ERTVQELFGFKHIVPTHQGRGAENLLSQLAIKPGQYVAGNMYFTTTRYHQEKNGAVFVDIVRDEAHDAGLNIAFKGDIDL
KKLQKLIDEKGAENIAYICLAVTVNLAGGQPVSMANMRAVRELTAAHGIKVFYDATRCVENAYFIKEQEQGFENKSIAEI
VHEMFSYADGCTMSGKKDCLVNIGGFLCMNDDEMFSSAKELVVVYEGMPSYGGLAGRDMEAMAIGLREAMQYEYIEHRVK
QVRYLGDKLKAAGVPIVEPVGGHAVFLDARRFCEHLTQDEFPAQSLAASIYVETGVRSMERGIISAGRNNVTGEHHRPKL
ETVRLTIPRRVYTYAHMDVVADGIIKLYQHKEDIRGLKFIYEPKQLRFFTARFDYI
;
A
2 'polypeptide(L)'
;MNYPAEPFRIKSVETVSMIPRDERLKKMQEAGYNTFLLNSKDIYIDLLTDSGTNAMSDKQWAGMMMGDEAYAGSENFYHL
ERTVQELFGFKHIVPTHQGRGAENLLSQLAIKPGQYVAGNMYFTTTRYHQEKNGAVFVDIVRDEAHDAGLNIAFKGDIDL
KKLQKLIDEKGAENIAYICLAVTVNLAGGQPVSMANMRAVRELTAAHGIKVFYDATRCVENAYFIKEQEQGFENKSIAEI
VHEMFSYADGCTMSGK(LLP)DCLVNIGGFLCMNDDEMFSSAKELVVVYEGMPSYGGLAGRDMEAMAIGLREAMQYEYIE
HRVKQVRYLGDKLKAAGVPIVEPVGGHAVFLDARRFCEHLTQDEFPAQSLAASIYVETGVRSMERGIISAGRNNVTGEHH
RPKLETVRLTIPRRVYTYAHMDVVADGIIKLYQHKEDIRGLKFIYEPKQLRFFTARFDYI
;
B
#
loop_
_chem_comp.id
_chem_comp.type
_chem_comp.name
_chem_comp.formula
0JO non-polymer '2-{[(E)-{3-hydroxy-2-methyl-5-[(phosphonooxy)methyl]pyridin-4-yl}methylidene]amino}prop-2-enoic acid' 'C11 H13 N2 O7 P'
CQG non-polymer pyridin-4-ol 'C5 H5 N O'
K non-polymer 'POTASSIUM ION' 'K 1'
P33 non-polymer 3,6,9,12,15,18-HEXAOXAICOSANE-1,20-DIOL 'C14 H30 O8'
#
# COMPACT_ATOMS: atom_id res chain seq x y z
N ASN A 2 -4.78 -38.69 -5.83
CA ASN A 2 -4.08 -37.82 -6.77
C ASN A 2 -4.27 -36.37 -6.36
N TYR A 3 -5.48 -36.08 -5.87
CA TYR A 3 -5.85 -34.72 -5.51
C TYR A 3 -6.28 -34.73 -4.06
N PRO A 4 -5.45 -34.23 -3.16
CA PRO A 4 -5.78 -34.31 -1.73
C PRO A 4 -6.91 -33.40 -1.33
N ALA A 5 -7.61 -33.79 -0.27
CA ALA A 5 -8.63 -32.91 0.28
C ALA A 5 -7.98 -31.73 0.99
N GLU A 6 -8.81 -30.72 1.28
CA GLU A 6 -8.33 -29.52 1.97
C GLU A 6 -7.75 -29.87 3.33
N PRO A 7 -6.54 -29.48 3.61
CA PRO A 7 -5.90 -29.80 4.89
C PRO A 7 -6.25 -28.77 5.97
N PHE A 8 -7.53 -28.48 6.09
CA PHE A 8 -8.04 -27.47 7.01
C PHE A 8 -9.56 -27.62 6.92
N ARG A 9 -10.24 -27.00 7.86
CA ARG A 9 -11.71 -26.93 7.81
C ARG A 9 -12.11 -25.49 7.47
N ILE A 10 -13.37 -25.30 7.11
CA ILE A 10 -13.89 -23.95 6.90
C ILE A 10 -14.30 -23.39 8.28
N LYS A 11 -13.70 -22.24 8.66
CA LYS A 11 -14.09 -21.57 9.90
C LYS A 11 -15.19 -20.54 9.65
N SER A 12 -15.10 -19.77 8.57
CA SER A 12 -16.19 -18.83 8.27
C SER A 12 -16.27 -18.68 6.76
N VAL A 13 -17.44 -18.25 6.29
CA VAL A 13 -17.75 -18.23 4.86
C VAL A 13 -18.13 -16.81 4.43
N GLU A 14 -18.22 -16.60 3.10
N GLU A 14 -17.76 -16.49 3.19
CA GLU A 14 -18.93 -15.45 2.50
CA GLU A 14 -18.12 -15.22 2.57
C GLU A 14 -19.72 -15.90 1.26
C GLU A 14 -19.34 -15.48 1.73
N THR A 15 -20.88 -15.28 1.01
N THR A 15 -20.44 -14.83 2.06
CA THR A 15 -21.80 -15.77 -0.03
CA THR A 15 -21.60 -15.02 1.22
C THR A 15 -21.29 -15.45 -1.44
C THR A 15 -21.35 -14.40 -0.14
N VAL A 16 -21.69 -16.28 -2.41
N VAL A 16 -21.90 -15.05 -1.17
CA VAL A 16 -21.39 -16.03 -3.81
CA VAL A 16 -21.93 -14.57 -2.54
C VAL A 16 -22.69 -16.06 -4.61
C VAL A 16 -23.37 -14.64 -2.99
N SER A 17 -22.73 -15.25 -5.67
N SER A 17 -23.74 -13.78 -3.93
CA SER A 17 -23.95 -15.12 -6.43
CA SER A 17 -25.04 -13.90 -4.58
C SER A 17 -23.59 -14.77 -7.87
C SER A 17 -24.97 -14.99 -5.65
N MET A 18 -24.49 -15.11 -8.77
N MET A 18 -25.91 -15.91 -5.63
CA MET A 18 -24.29 -14.85 -10.18
CA MET A 18 -25.99 -16.95 -6.65
C MET A 18 -25.46 -14.03 -10.69
C MET A 18 -26.84 -16.49 -7.84
N ILE A 19 -25.17 -12.93 -11.37
N ILE A 19 -26.49 -15.33 -8.38
CA ILE A 19 -26.19 -12.09 -11.99
CA ILE A 19 -27.33 -14.71 -9.41
C ILE A 19 -26.45 -12.63 -13.39
C ILE A 19 -27.23 -15.52 -10.70
N PRO A 20 -27.62 -12.39 -13.99
N PRO A 20 -28.33 -15.68 -11.42
CA PRO A 20 -27.96 -12.99 -15.28
CA PRO A 20 -28.35 -16.58 -12.59
C PRO A 20 -27.04 -12.54 -16.40
C PRO A 20 -27.63 -15.98 -13.80
N ARG A 21 -27.00 -13.35 -17.47
N ARG A 21 -27.43 -16.84 -14.79
CA ARG A 21 -26.09 -13.10 -18.59
CA ARG A 21 -26.66 -16.47 -15.97
C ARG A 21 -26.36 -11.74 -19.20
C ARG A 21 -27.31 -15.30 -16.71
N ASP A 22 -27.64 -11.37 -19.32
N ASP A 22 -28.65 -15.31 -16.81
CA ASP A 22 -27.99 -10.04 -19.82
CA ASP A 22 -29.40 -14.19 -17.38
C ASP A 22 -27.31 -8.95 -19.00
C ASP A 22 -28.96 -12.85 -16.78
N GLU A 23 -27.23 -9.15 -17.68
N GLU A 23 -29.00 -12.75 -15.44
CA GLU A 23 -26.64 -8.12 -16.82
CA GLU A 23 -28.62 -11.50 -14.78
C GLU A 23 -25.12 -8.15 -16.89
C GLU A 23 -27.13 -11.24 -14.88
N ARG A 24 -24.52 -9.34 -16.98
N ARG A 24 -26.31 -12.30 -14.97
CA ARG A 24 -23.08 -9.42 -17.17
CA ARG A 24 -24.87 -12.13 -15.15
C ARG A 24 -22.65 -8.74 -18.47
C ARG A 24 -24.55 -11.46 -16.48
N LEU A 25 -23.44 -8.89 -19.52
N LEU A 25 -25.29 -11.80 -17.54
CA LEU A 25 -23.14 -8.23 -20.79
CA LEU A 25 -25.08 -11.13 -18.82
C LEU A 25 -23.09 -6.71 -20.60
C LEU A 25 -25.28 -9.62 -18.70
N LYS A 26 -24.08 -6.15 -19.91
N LYS A 26 -26.34 -9.20 -18.00
CA LYS A 26 -24.08 -4.72 -19.61
CA LYS A 26 -26.58 -7.77 -17.85
C LYS A 26 -22.85 -4.34 -18.79
C LYS A 26 -25.46 -7.10 -17.06
N LYS A 27 -22.56 -5.11 -17.74
N LYS A 27 -24.94 -7.77 -16.02
CA LYS A 27 -21.41 -4.79 -16.89
CA LYS A 27 -23.82 -7.22 -15.26
C LYS A 27 -20.10 -4.81 -17.69
C LYS A 27 -22.57 -7.12 -16.11
N MET A 28 -19.94 -5.78 -18.58
N MET A 28 -22.36 -8.09 -17.00
CA MET A 28 -18.69 -5.92 -19.35
CA MET A 28 -21.22 -8.03 -17.94
C MET A 28 -18.49 -4.74 -20.32
C MET A 28 -21.42 -6.90 -18.95
N GLN A 29 -19.54 -4.30 -21.02
N GLN A 29 -22.64 -6.72 -19.43
CA GLN A 29 -19.34 -3.14 -21.88
CA GLN A 29 -22.92 -5.60 -20.32
C GLN A 29 -19.17 -1.87 -21.06
C GLN A 29 -22.75 -4.26 -19.61
N GLU A 30 -19.76 -1.81 -19.86
N GLU A 30 -23.09 -4.19 -18.32
CA GLU A 30 -19.55 -0.65 -19.00
CA GLU A 30 -22.87 -2.97 -17.57
C GLU A 30 -18.13 -0.58 -18.47
C GLU A 30 -21.38 -2.68 -17.38
N ALA A 31 -17.47 -1.73 -18.35
N ALA A 31 -20.53 -3.71 -17.48
CA ALA A 31 -16.05 -1.78 -17.99
CA ALA A 31 -19.08 -3.54 -17.41
C ALA A 31 -15.12 -1.64 -19.19
C ALA A 31 -18.41 -3.40 -18.77
N GLY A 32 -15.62 -1.23 -20.35
N GLY A 32 -19.17 -3.13 -19.82
CA GLY A 32 -14.78 -1.14 -21.54
CA GLY A 32 -18.59 -3.02 -21.15
C GLY A 32 -14.09 -2.43 -21.91
C GLY A 32 -17.75 -4.23 -21.56
N TYR A 33 -14.70 -3.58 -21.58
N TYR A 33 -18.08 -5.39 -20.99
CA TYR A 33 -14.19 -4.91 -21.95
CA TYR A 33 -17.43 -6.67 -21.31
C TYR A 33 -12.84 -5.20 -21.30
C TYR A 33 -15.96 -6.69 -20.91
N ASN A 34 -12.57 -4.57 -20.16
N ASN A 34 -15.59 -5.90 -19.90
CA ASN A 34 -11.38 -4.81 -19.34
CA ASN A 34 -14.24 -5.91 -19.34
C ASN A 34 -11.83 -5.40 -18.00
C ASN A 34 -14.32 -6.55 -17.96
N THR A 35 -11.44 -6.66 -17.74
N THR A 35 -13.53 -7.61 -17.76
CA THR A 35 -11.80 -7.31 -16.48
CA THR A 35 -13.47 -8.26 -16.46
C THR A 35 -11.36 -6.53 -15.24
C THR A 35 -12.95 -7.31 -15.38
N PHE A 36 -10.25 -5.77 -15.31
N PHE A 36 -11.90 -6.54 -15.67
CA PHE A 36 -9.81 -5.00 -14.15
CA PHE A 36 -11.24 -5.73 -14.64
C PHE A 36 -10.83 -3.96 -13.72
C PHE A 36 -12.18 -4.68 -14.04
N LEU A 37 -11.68 -3.53 -14.63
N LEU A 37 -13.20 -4.26 -14.79
CA LEU A 37 -12.64 -2.46 -14.34
CA LEU A 37 -14.12 -3.27 -14.27
C LEU A 37 -13.99 -2.97 -13.82
C LEU A 37 -15.41 -3.91 -13.75
N LEU A 38 -14.18 -4.29 -13.69
N LEU A 38 -15.40 -5.22 -13.60
CA LEU A 38 -15.46 -4.77 -13.20
CA LEU A 38 -16.45 -5.92 -12.86
C LEU A 38 -15.52 -4.64 -11.67
C LEU A 38 -16.37 -5.59 -11.37
N ASN A 39 -16.75 -4.56 -11.16
N ASN A 39 -17.54 -5.55 -10.74
CA ASN A 39 -17.00 -4.39 -9.74
CA ASN A 39 -17.61 -5.29 -9.30
C ASN A 39 -17.16 -5.75 -9.06
C ASN A 39 -17.66 -6.61 -8.53
N SER A 40 -16.57 -5.88 -7.87
N SER A 40 -17.00 -6.62 -7.38
CA SER A 40 -16.56 -7.17 -7.15
CA SER A 40 -16.83 -7.87 -6.62
C SER A 40 -17.94 -7.77 -7.00
C SER A 40 -18.15 -8.47 -6.19
N LYS A 41 -18.93 -6.93 -6.65
N LYS A 41 -19.15 -7.64 -5.93
CA LYS A 41 -20.28 -7.45 -6.42
CA LYS A 41 -20.48 -8.14 -5.60
C LYS A 41 -20.81 -8.21 -7.65
C LYS A 41 -21.14 -8.81 -6.80
N ASP A 42 -20.39 -7.81 -8.84
N ASP A 42 -20.79 -8.42 -8.04
CA ASP A 42 -20.93 -8.35 -10.09
CA ASP A 42 -21.31 -9.06 -9.24
C ASP A 42 -20.19 -9.61 -10.56
C ASP A 42 -20.64 -10.40 -9.46
N ILE A 43 -19.47 -10.28 -9.66
N ILE A 43 -19.30 -10.36 -9.55
CA ILE A 43 -18.63 -11.44 -9.99
CA ILE A 43 -18.50 -11.51 -9.89
C ILE A 43 -19.03 -12.60 -9.09
C ILE A 43 -18.87 -12.68 -9.03
N TYR A 44 -19.03 -13.82 -9.66
CA TYR A 44 -19.42 -15.01 -8.93
C TYR A 44 -18.22 -15.75 -8.31
N ILE A 45 -17.21 -16.09 -9.10
CA ILE A 45 -15.96 -16.71 -8.63
C ILE A 45 -14.85 -15.84 -9.18
N ASP A 46 -14.04 -15.23 -8.29
CA ASP A 46 -13.15 -14.13 -8.68
C ASP A 46 -11.70 -14.66 -8.75
N LEU A 47 -11.30 -15.02 -9.97
CA LEU A 47 -9.96 -15.52 -10.26
C LEU A 47 -9.10 -14.46 -10.95
N LEU A 48 -9.41 -13.18 -10.71
N LEU A 48 -9.41 -13.19 -10.70
CA LEU A 48 -8.57 -12.12 -11.26
CA LEU A 48 -8.58 -12.11 -11.24
C LEU A 48 -7.11 -12.28 -10.77
C LEU A 48 -7.14 -12.26 -10.76
N THR A 49 -6.93 -12.61 -9.50
CA THR A 49 -5.58 -12.66 -8.96
C THR A 49 -5.55 -13.43 -7.67
N ASP A 50 -4.38 -14.01 -7.38
CA ASP A 50 -4.10 -14.60 -6.07
C ASP A 50 -3.43 -13.58 -5.13
N SER A 51 -3.40 -12.31 -5.52
CA SER A 51 -2.69 -11.30 -4.75
C SER A 51 -3.67 -10.69 -3.75
N GLY A 52 -3.50 -11.00 -2.47
CA GLY A 52 -4.23 -10.24 -1.43
C GLY A 52 -5.64 -10.78 -1.22
N THR A 53 -6.00 -11.85 -1.92
CA THR A 53 -7.33 -12.44 -1.90
C THR A 53 -7.41 -13.71 -1.02
N ASN A 54 -6.35 -14.04 -0.31
CA ASN A 54 -6.25 -15.31 0.41
C ASN A 54 -7.18 -15.33 1.62
N ALA A 55 -7.57 -16.55 2.03
CA ALA A 55 -8.30 -16.71 3.30
C ALA A 55 -7.28 -16.91 4.41
N MET A 56 -7.39 -16.14 5.48
CA MET A 56 -6.53 -16.28 6.65
C MET A 56 -7.07 -17.38 7.57
N SER A 57 -6.21 -17.85 8.48
CA SER A 57 -6.61 -18.88 9.43
C SER A 57 -7.15 -18.27 10.73
N ASP A 58 -7.68 -19.15 11.58
CA ASP A 58 -8.07 -18.71 12.91
C ASP A 58 -6.88 -18.16 13.67
N LYS A 59 -5.70 -18.77 13.53
CA LYS A 59 -4.56 -18.23 14.28
C LYS A 59 -4.20 -16.85 13.80
N GLN A 60 -4.31 -16.62 12.48
CA GLN A 60 -4.00 -15.29 11.97
C GLN A 60 -5.02 -14.29 12.48
N TRP A 61 -6.30 -14.67 12.48
CA TRP A 61 -7.33 -13.77 12.98
C TRP A 61 -7.18 -13.54 14.49
N ALA A 62 -6.70 -14.53 15.24
CA ALA A 62 -6.36 -14.24 16.65
C ALA A 62 -5.24 -13.20 16.72
N GLY A 63 -4.25 -13.33 15.85
CA GLY A 63 -3.22 -12.28 15.77
C GLY A 63 -3.76 -10.92 15.39
N MET A 64 -4.80 -10.88 14.55
CA MET A 64 -5.42 -9.62 14.15
C MET A 64 -6.08 -8.92 15.34
N MET A 65 -6.43 -9.67 16.39
CA MET A 65 -6.96 -9.02 17.61
C MET A 65 -5.87 -8.53 18.54
N MET A 66 -4.62 -8.89 18.28
CA MET A 66 -3.47 -8.52 19.09
CA MET A 66 -3.51 -8.46 19.12
C MET A 66 -2.58 -7.53 18.35
N GLY A 67 -3.17 -6.68 17.51
CA GLY A 67 -2.39 -5.63 16.88
C GLY A 67 -1.82 -4.68 17.91
N ASP A 68 -0.51 -4.53 17.94
CA ASP A 68 0.20 -3.59 18.78
C ASP A 68 0.53 -2.42 17.84
N GLU A 69 -0.29 -1.37 17.92
CA GLU A 69 -0.26 -0.33 16.89
C GLU A 69 0.78 0.75 17.12
N ALA A 70 1.75 0.48 18.01
CA ALA A 70 2.77 1.45 18.37
C ALA A 70 3.61 1.80 17.15
N TYR A 71 4.02 3.08 17.09
CA TYR A 71 4.76 3.57 15.92
C TYR A 71 6.14 2.93 15.80
N ALA A 72 6.76 2.61 16.95
CA ALA A 72 8.07 2.00 17.00
C ALA A 72 8.00 0.94 18.09
N GLY A 73 8.73 -0.17 17.92
CA GLY A 73 8.81 -1.12 19.02
C GLY A 73 7.62 -2.04 19.15
N SER A 74 6.80 -2.17 18.12
CA SER A 74 5.64 -3.05 18.19
C SER A 74 6.03 -4.50 18.34
N GLU A 75 5.35 -5.22 19.24
CA GLU A 75 5.55 -6.68 19.30
C GLU A 75 5.35 -7.33 17.92
N ASN A 76 4.40 -6.82 17.10
CA ASN A 76 4.14 -7.41 15.81
C ASN A 76 5.33 -7.24 14.86
N PHE A 77 6.01 -6.08 14.94
CA PHE A 77 7.22 -5.90 14.14
C PHE A 77 8.27 -6.91 14.57
N TYR A 78 8.48 -7.05 15.87
CA TYR A 78 9.53 -7.97 16.29
C TYR A 78 9.22 -9.39 15.85
N HIS A 79 7.93 -9.77 15.93
CA HIS A 79 7.49 -11.10 15.48
CA HIS A 79 7.54 -11.11 15.49
C HIS A 79 7.80 -11.29 13.99
N LEU A 80 7.41 -10.31 13.16
CA LEU A 80 7.66 -10.46 11.73
C LEU A 80 9.15 -10.53 11.43
N GLU A 81 9.92 -9.65 12.08
CA GLU A 81 11.36 -9.60 11.84
C GLU A 81 12.02 -10.92 12.17
N ARG A 82 11.77 -11.46 13.36
CA ARG A 82 12.46 -12.70 13.68
C ARG A 82 11.92 -13.88 12.86
N THR A 83 10.64 -13.85 12.48
CA THR A 83 10.12 -14.94 11.65
C THR A 83 10.83 -14.95 10.29
N VAL A 84 11.00 -13.77 9.70
CA VAL A 84 11.65 -13.72 8.38
C VAL A 84 13.13 -14.05 8.52
N GLN A 85 13.79 -13.55 9.57
CA GLN A 85 15.19 -13.92 9.79
C GLN A 85 15.35 -15.44 9.93
N GLU A 86 14.41 -16.08 10.64
CA GLU A 86 14.48 -17.53 10.86
C GLU A 86 14.22 -18.29 9.57
N LEU A 87 13.16 -17.94 8.84
CA LEU A 87 12.71 -18.75 7.71
C LEU A 87 13.47 -18.44 6.41
N PHE A 88 13.88 -17.17 6.19
CA PHE A 88 14.61 -16.80 4.95
C PHE A 88 16.10 -16.63 5.18
N GLY A 89 16.52 -16.35 6.39
CA GLY A 89 17.94 -16.30 6.68
C GLY A 89 18.61 -14.98 6.40
N PHE A 90 17.88 -13.95 5.95
CA PHE A 90 18.53 -12.67 5.69
C PHE A 90 18.79 -11.88 6.97
N LYS A 91 19.84 -11.06 6.94
CA LYS A 91 20.24 -10.34 8.14
C LYS A 91 19.21 -9.28 8.53
N HIS A 92 18.65 -8.55 7.56
CA HIS A 92 17.87 -7.34 7.83
C HIS A 92 16.54 -7.37 7.09
N ILE A 93 15.50 -6.80 7.71
CA ILE A 93 14.20 -6.75 7.06
C ILE A 93 13.61 -5.33 7.19
N VAL A 94 13.03 -4.83 6.10
CA VAL A 94 12.30 -3.55 6.10
C VAL A 94 10.87 -3.87 5.64
N PRO A 95 9.84 -3.74 6.48
CA PRO A 95 8.49 -4.01 5.98
C PRO A 95 8.07 -2.93 4.99
N THR A 96 7.19 -3.30 4.05
CA THR A 96 6.61 -2.35 3.10
C THR A 96 5.13 -2.71 2.99
N HIS A 97 4.32 -1.78 2.46
CA HIS A 97 2.88 -2.09 2.50
C HIS A 97 2.55 -3.20 1.51
N GLN A 98 3.32 -3.37 0.45
CA GLN A 98 3.20 -4.57 -0.40
C GLN A 98 4.44 -4.65 -1.28
N GLY A 99 4.43 -5.56 -2.26
CA GLY A 99 5.68 -5.87 -2.96
C GLY A 99 6.24 -4.72 -3.78
N ARG A 100 5.38 -3.97 -4.48
CA ARG A 100 5.93 -2.90 -5.31
C ARG A 100 6.52 -1.74 -4.48
N GLY A 101 6.14 -1.62 -3.20
CA GLY A 101 6.86 -0.69 -2.33
C GLY A 101 8.30 -1.14 -2.08
N ALA A 102 8.50 -2.45 -1.89
CA ALA A 102 9.87 -2.97 -1.73
C ALA A 102 10.65 -2.87 -3.04
N GLU A 103 9.99 -3.09 -4.19
CA GLU A 103 10.68 -2.89 -5.47
C GLU A 103 11.08 -1.44 -5.69
N ASN A 104 10.20 -0.51 -5.34
CA ASN A 104 10.57 0.91 -5.39
C ASN A 104 11.87 1.16 -4.63
N LEU A 105 11.98 0.61 -3.41
CA LEU A 105 13.17 0.83 -2.59
C LEU A 105 14.40 0.18 -3.21
N LEU A 106 14.29 -1.12 -3.55
CA LEU A 106 15.44 -1.81 -4.12
C LEU A 106 15.95 -1.10 -5.37
N SER A 107 15.04 -0.72 -6.25
CA SER A 107 15.50 -0.16 -7.53
C SER A 107 16.19 1.19 -7.33
N GLN A 108 15.73 1.97 -6.35
CA GLN A 108 16.38 3.25 -6.08
C GLN A 108 17.72 3.04 -5.38
N LEU A 109 17.84 2.00 -4.57
CA LEU A 109 19.09 1.76 -3.85
C LEU A 109 20.16 1.11 -4.73
N ALA A 110 19.78 0.30 -5.70
CA ALA A 110 20.72 -0.66 -6.29
C ALA A 110 21.05 -0.40 -7.76
N ILE A 111 20.50 0.62 -8.39
CA ILE A 111 20.65 0.85 -9.82
C ILE A 111 21.34 2.19 -10.05
N LYS A 112 22.44 2.16 -10.79
CA LYS A 112 23.03 3.36 -11.36
C LYS A 112 22.52 3.53 -12.80
N PRO A 113 22.12 4.74 -13.18
CA PRO A 113 21.53 4.93 -14.52
C PRO A 113 22.46 4.49 -15.62
N GLY A 114 21.90 3.75 -16.58
CA GLY A 114 22.67 3.14 -17.64
C GLY A 114 23.03 1.68 -17.43
N GLN A 115 22.95 1.19 -16.19
CA GLN A 115 23.29 -0.20 -15.89
C GLN A 115 22.21 -1.16 -16.38
N TYR A 116 22.55 -2.44 -16.42
CA TYR A 116 21.62 -3.48 -16.81
C TYR A 116 21.11 -4.22 -15.58
N VAL A 117 19.83 -4.60 -15.63
CA VAL A 117 19.24 -5.55 -14.70
C VAL A 117 18.78 -6.75 -15.52
N ALA A 118 19.18 -7.94 -15.12
CA ALA A 118 18.92 -9.15 -15.88
C ALA A 118 18.11 -10.10 -15.03
N GLY A 119 17.00 -10.61 -15.58
CA GLY A 119 16.10 -11.47 -14.82
C GLY A 119 15.50 -12.58 -15.67
N ASN A 120 14.88 -13.54 -14.96
CA ASN A 120 14.22 -14.66 -15.63
C ASN A 120 12.80 -14.20 -15.97
N MET A 121 12.66 -13.55 -17.14
CA MET A 121 11.42 -12.97 -17.64
C MET A 121 11.04 -11.71 -16.86
N TYR A 122 10.31 -10.80 -17.49
CA TYR A 122 9.97 -9.54 -16.86
C TYR A 122 8.74 -9.71 -15.97
N PHE A 123 8.51 -8.75 -15.09
CA PHE A 123 7.19 -8.56 -14.50
C PHE A 123 6.86 -7.07 -14.48
N THR A 124 5.55 -6.78 -14.47
CA THR A 124 5.07 -5.45 -14.87
C THR A 124 5.63 -4.35 -13.96
N THR A 125 5.35 -4.44 -12.65
CA THR A 125 5.78 -3.39 -11.73
C THR A 125 7.29 -3.44 -11.51
N THR A 126 7.86 -4.65 -11.44
CA THR A 126 9.30 -4.80 -11.28
C THR A 126 10.06 -4.08 -12.39
N ARG A 127 9.72 -4.38 -13.64
CA ARG A 127 10.41 -3.76 -14.77
C ARG A 127 10.17 -2.26 -14.81
N TYR A 128 9.01 -1.80 -14.33
CA TYR A 128 8.78 -0.36 -14.36
C TYR A 128 9.73 0.36 -13.40
N HIS A 129 9.87 -0.17 -12.17
CA HIS A 129 10.77 0.43 -11.21
C HIS A 129 12.23 0.32 -11.65
N GLN A 130 12.60 -0.76 -12.34
CA GLN A 130 13.96 -0.85 -12.88
C GLN A 130 14.21 0.23 -13.92
N GLU A 131 13.30 0.37 -14.90
CA GLU A 131 13.54 1.31 -15.98
C GLU A 131 13.38 2.73 -15.50
N LYS A 132 12.44 2.97 -14.58
CA LYS A 132 12.24 4.33 -14.05
C LYS A 132 13.49 4.85 -13.36
N ASN A 133 14.30 3.95 -12.78
CA ASN A 133 15.56 4.35 -12.18
C ASN A 133 16.74 4.22 -13.14
N GLY A 134 16.46 4.04 -14.44
CA GLY A 134 17.50 4.14 -15.46
C GLY A 134 18.11 2.83 -15.92
N ALA A 135 17.64 1.69 -15.43
CA ALA A 135 18.26 0.45 -15.88
C ALA A 135 17.67 0.02 -17.22
N VAL A 136 18.43 -0.83 -17.93
CA VAL A 136 17.92 -1.57 -19.09
C VAL A 136 17.65 -3.01 -18.67
N PHE A 137 16.44 -3.50 -18.94
CA PHE A 137 16.10 -4.87 -18.60
C PHE A 137 16.60 -5.84 -19.66
N VAL A 138 17.20 -6.95 -19.23
CA VAL A 138 17.66 -8.02 -20.10
C VAL A 138 17.02 -9.33 -19.62
N ASP A 139 16.37 -10.04 -20.53
CA ASP A 139 15.69 -11.28 -20.18
C ASP A 139 16.70 -12.41 -20.35
N ILE A 140 17.02 -13.11 -19.27
CA ILE A 140 17.97 -14.22 -19.38
C ILE A 140 17.32 -15.56 -19.00
N VAL A 141 15.99 -15.63 -18.92
CA VAL A 141 15.34 -16.95 -18.83
C VAL A 141 15.67 -17.79 -20.06
N ARG A 142 15.58 -19.10 -19.92
CA ARG A 142 15.82 -19.91 -21.10
C ARG A 142 14.65 -19.82 -22.07
N ASP A 143 14.96 -20.01 -23.36
CA ASP A 143 14.00 -19.85 -24.44
C ASP A 143 12.72 -20.64 -24.23
N GLU A 144 12.83 -21.85 -23.65
CA GLU A 144 11.66 -22.71 -23.53
C GLU A 144 10.58 -22.05 -22.70
N ALA A 145 10.95 -21.22 -21.71
CA ALA A 145 9.95 -20.59 -20.85
C ALA A 145 8.97 -19.74 -21.63
N HIS A 146 9.32 -19.34 -22.85
CA HIS A 146 8.46 -18.53 -23.70
C HIS A 146 7.53 -19.35 -24.60
N ASP A 147 7.64 -20.67 -24.61
CA ASP A 147 6.74 -21.46 -25.44
C ASP A 147 5.72 -22.14 -24.56
N ALA A 148 4.45 -21.75 -24.73
CA ALA A 148 3.40 -22.09 -23.77
C ALA A 148 3.20 -23.59 -23.64
N GLY A 149 3.22 -24.30 -24.77
CA GLY A 149 2.81 -25.68 -24.84
C GLY A 149 3.86 -26.67 -24.42
N LEU A 150 5.10 -26.22 -24.25
CA LEU A 150 6.23 -27.12 -24.03
C LEU A 150 6.25 -27.56 -22.57
N ASN A 151 6.06 -28.86 -22.33
CA ASN A 151 5.97 -29.35 -20.96
C ASN A 151 7.35 -29.82 -20.52
N ILE A 152 8.08 -28.93 -19.87
CA ILE A 152 9.36 -29.28 -19.25
C ILE A 152 9.43 -28.73 -17.84
N ALA A 153 10.18 -29.42 -17.00
CA ALA A 153 10.30 -29.06 -15.61
C ALA A 153 11.19 -27.82 -15.46
N PHE A 154 10.92 -27.05 -14.39
CA PHE A 154 11.71 -25.88 -13.95
C PHE A 154 11.96 -24.92 -15.11
N LYS A 155 10.85 -24.55 -15.78
CA LYS A 155 10.91 -23.61 -16.89
C LYS A 155 11.39 -22.22 -16.45
N GLY A 156 11.35 -21.93 -15.15
CA GLY A 156 11.76 -20.62 -14.67
C GLY A 156 13.25 -20.41 -14.66
N ASP A 157 14.03 -21.46 -14.90
CA ASP A 157 15.48 -21.41 -14.73
C ASP A 157 16.11 -20.35 -15.63
N ILE A 158 17.12 -19.67 -15.09
CA ILE A 158 17.94 -18.75 -15.87
C ILE A 158 18.84 -19.56 -16.80
N ASP A 159 19.04 -19.07 -18.02
CA ASP A 159 20.01 -19.61 -18.97
C ASP A 159 21.39 -19.09 -18.60
N LEU A 160 22.26 -19.98 -18.10
CA LEU A 160 23.56 -19.51 -17.63
C LEU A 160 24.40 -19.00 -18.79
N LYS A 161 24.15 -19.49 -20.01
CA LYS A 161 24.87 -18.98 -21.18
C LYS A 161 24.50 -17.53 -21.48
N LYS A 162 23.22 -17.19 -21.34
CA LYS A 162 22.80 -15.81 -21.53
C LYS A 162 23.40 -14.90 -20.46
N LEU A 163 23.38 -15.34 -19.20
CA LEU A 163 24.03 -14.60 -18.12
C LEU A 163 25.50 -14.40 -18.41
N GLN A 164 26.18 -15.46 -18.85
CA GLN A 164 27.60 -15.35 -19.18
C GLN A 164 27.81 -14.36 -20.32
N LYS A 165 26.96 -14.43 -21.34
CA LYS A 165 27.11 -13.52 -22.47
C LYS A 165 26.95 -12.07 -22.04
N LEU A 166 25.93 -11.80 -21.21
CA LEU A 166 25.71 -10.43 -20.75
C LEU A 166 26.93 -9.91 -20.00
N ILE A 167 27.57 -10.75 -19.19
CA ILE A 167 28.77 -10.33 -18.47
C ILE A 167 29.90 -10.00 -19.43
N ASP A 168 30.11 -10.84 -20.44
CA ASP A 168 31.21 -10.64 -21.36
C ASP A 168 31.00 -9.42 -22.24
N GLU A 169 29.76 -9.19 -22.69
CA GLU A 169 29.55 -8.11 -23.65
C GLU A 169 29.43 -6.77 -22.96
N LYS A 170 28.93 -6.74 -21.72
CA LYS A 170 28.67 -5.49 -21.03
C LYS A 170 29.60 -5.23 -19.84
N GLY A 171 30.24 -6.25 -19.29
CA GLY A 171 31.11 -6.05 -18.15
C GLY A 171 30.34 -6.07 -16.85
N ALA A 172 30.88 -6.75 -15.83
CA ALA A 172 30.14 -6.95 -14.59
C ALA A 172 29.83 -5.64 -13.86
N GLU A 173 30.70 -4.62 -14.00
CA GLU A 173 30.41 -3.38 -13.29
C GLU A 173 29.23 -2.62 -13.88
N ASN A 174 28.80 -2.98 -15.08
CA ASN A 174 27.65 -2.35 -15.71
C ASN A 174 26.36 -3.11 -15.45
N ILE A 175 26.40 -4.19 -14.68
CA ILE A 175 25.21 -4.93 -14.30
C ILE A 175 24.88 -4.56 -12.86
N ALA A 176 23.71 -3.95 -12.66
CA ALA A 176 23.32 -3.53 -11.31
C ALA A 176 23.05 -4.74 -10.43
N TYR A 177 22.28 -5.70 -10.92
CA TYR A 177 22.06 -6.95 -10.23
C TYR A 177 21.33 -7.92 -11.15
N ILE A 178 21.28 -9.18 -10.70
CA ILE A 178 20.44 -10.21 -11.30
C ILE A 178 19.16 -10.28 -10.48
N CYS A 179 18.04 -10.27 -11.15
CA CYS A 179 16.72 -10.39 -10.51
C CYS A 179 16.17 -11.78 -10.77
N LEU A 180 16.15 -12.65 -9.75
CA LEU A 180 15.70 -14.04 -9.93
C LEU A 180 14.38 -14.21 -9.19
N ALA A 181 13.32 -14.45 -9.96
CA ALA A 181 11.97 -14.57 -9.43
C ALA A 181 11.63 -16.04 -9.20
N VAL A 182 10.97 -16.33 -8.07
CA VAL A 182 10.46 -17.66 -7.75
C VAL A 182 9.02 -17.56 -7.28
N THR A 183 8.11 -18.32 -7.90
CA THR A 183 8.15 -18.86 -9.26
C THR A 183 8.20 -17.72 -10.25
N VAL A 184 8.19 -18.05 -11.55
CA VAL A 184 8.13 -17.04 -12.60
C VAL A 184 6.67 -16.90 -13.04
N ASN A 185 6.08 -15.75 -12.70
CA ASN A 185 4.64 -15.54 -12.82
C ASN A 185 4.20 -15.60 -14.27
N LEU A 186 4.82 -14.81 -15.14
CA LEU A 186 4.25 -14.66 -16.46
C LEU A 186 4.61 -15.78 -17.42
N ALA A 187 5.53 -16.68 -17.05
CA ALA A 187 5.72 -17.95 -17.75
C ALA A 187 4.67 -18.98 -17.37
N GLY A 188 3.75 -18.62 -16.47
CA GLY A 188 2.70 -19.51 -16.04
C GLY A 188 2.83 -20.00 -14.63
N GLY A 189 3.67 -19.36 -13.81
CA GLY A 189 3.92 -19.82 -12.46
C GLY A 189 4.97 -20.91 -12.41
N GLN A 190 6.01 -20.81 -13.25
CA GLN A 190 6.97 -21.89 -13.46
C GLN A 190 8.10 -21.84 -12.44
N PRO A 191 8.50 -22.98 -11.85
CA PRO A 191 9.51 -22.94 -10.78
C PRO A 191 10.94 -22.89 -11.31
N VAL A 192 11.84 -22.53 -10.38
CA VAL A 192 13.29 -22.45 -10.59
C VAL A 192 13.90 -23.54 -9.73
N SER A 193 14.88 -24.28 -10.28
CA SER A 193 15.49 -25.35 -9.50
C SER A 193 16.55 -24.81 -8.53
N MET A 194 16.81 -25.58 -7.46
CA MET A 194 17.92 -25.26 -6.55
C MET A 194 19.25 -25.29 -7.28
N ALA A 195 19.42 -26.25 -8.20
CA ALA A 195 20.65 -26.30 -8.97
C ALA A 195 20.87 -25.00 -9.73
N ASN A 196 19.80 -24.44 -10.27
CA ASN A 196 19.93 -23.19 -11.01
C ASN A 196 20.25 -22.04 -10.07
N MET A 197 19.62 -21.99 -8.90
CA MET A 197 19.95 -20.94 -7.93
C MET A 197 21.41 -21.05 -7.49
N ARG A 198 21.90 -22.28 -7.28
N ARG A 198 21.93 -22.27 -7.33
CA ARG A 198 23.31 -22.47 -6.97
CA ARG A 198 23.33 -22.42 -6.94
C ARG A 198 24.19 -21.93 -8.09
C ARG A 198 24.27 -22.03 -8.08
N ALA A 199 23.92 -22.38 -9.32
CA ALA A 199 24.80 -22.02 -10.44
C ALA A 199 24.82 -20.51 -10.68
N VAL A 200 23.66 -19.87 -10.56
CA VAL A 200 23.60 -18.41 -10.69
C VAL A 200 24.40 -17.74 -9.58
N ARG A 201 24.32 -18.26 -8.35
CA ARG A 201 25.10 -17.67 -7.25
C ARG A 201 26.59 -17.78 -7.52
N GLU A 202 27.03 -18.94 -8.00
CA GLU A 202 28.45 -19.15 -8.16
C GLU A 202 29.01 -18.25 -9.28
N LEU A 203 28.28 -18.14 -10.39
CA LEU A 203 28.76 -17.32 -11.50
C LEU A 203 28.72 -15.84 -11.15
N THR A 204 27.65 -15.37 -10.51
CA THR A 204 27.57 -13.94 -10.20
C THR A 204 28.58 -13.55 -9.13
N ALA A 205 28.75 -14.39 -8.09
CA ALA A 205 29.72 -14.11 -7.04
C ALA A 205 31.15 -14.01 -7.59
N ALA A 206 31.47 -14.81 -8.60
CA ALA A 206 32.83 -14.74 -9.15
C ALA A 206 33.12 -13.39 -9.79
N HIS A 207 32.08 -12.66 -10.22
CA HIS A 207 32.23 -11.35 -10.83
C HIS A 207 31.80 -10.24 -9.89
N GLY A 208 31.45 -10.55 -8.65
CA GLY A 208 30.98 -9.53 -7.73
C GLY A 208 29.63 -8.96 -8.03
N ILE A 209 28.76 -9.69 -8.72
CA ILE A 209 27.45 -9.18 -9.08
C ILE A 209 26.44 -9.64 -8.05
N LYS A 210 25.55 -8.73 -7.65
CA LYS A 210 24.56 -9.00 -6.63
C LYS A 210 23.36 -9.75 -7.23
N VAL A 211 22.70 -10.54 -6.39
CA VAL A 211 21.53 -11.29 -6.81
C VAL A 211 20.42 -11.01 -5.82
N PHE A 212 19.30 -10.49 -6.32
CA PHE A 212 18.13 -10.26 -5.47
C PHE A 212 16.96 -11.09 -5.96
N TYR A 213 16.26 -11.74 -5.04
CA TYR A 213 15.18 -12.64 -5.45
C TYR A 213 13.87 -11.87 -5.40
N ASP A 214 12.97 -12.18 -6.33
CA ASP A 214 11.56 -11.86 -6.13
C ASP A 214 10.93 -13.07 -5.46
N ALA A 215 10.64 -12.93 -4.16
CA ALA A 215 10.30 -14.08 -3.34
C ALA A 215 8.81 -14.35 -3.32
N THR A 216 8.03 -13.63 -4.14
CA THR A 216 6.59 -13.52 -3.95
C THR A 216 5.87 -14.90 -3.89
N ARG A 217 6.30 -15.84 -4.73
CA ARG A 217 5.73 -17.19 -4.64
C ARG A 217 6.81 -18.22 -4.34
N CYS A 218 7.67 -17.90 -3.35
CA CYS A 218 8.80 -18.81 -3.08
C CYS A 218 8.34 -20.11 -2.45
N VAL A 219 7.18 -20.11 -1.80
CA VAL A 219 6.79 -21.37 -1.17
C VAL A 219 6.22 -22.36 -2.19
N GLU A 220 5.36 -21.89 -3.09
CA GLU A 220 5.04 -22.69 -4.27
C GLU A 220 6.28 -23.22 -4.96
N ASN A 221 7.29 -22.37 -5.11
CA ASN A 221 8.53 -22.80 -5.76
C ASN A 221 9.18 -23.93 -4.98
N ALA A 222 9.25 -23.77 -3.67
CA ALA A 222 9.84 -24.82 -2.82
C ALA A 222 9.09 -26.13 -2.96
N TYR A 223 7.77 -26.08 -3.14
CA TYR A 223 6.99 -27.30 -3.31
C TYR A 223 7.43 -28.04 -4.59
N PHE A 224 7.59 -27.30 -5.70
CA PHE A 224 8.04 -27.95 -6.93
C PHE A 224 9.40 -28.59 -6.76
N ILE A 225 10.30 -27.94 -6.02
CA ILE A 225 11.60 -28.54 -5.75
C ILE A 225 11.43 -29.84 -4.97
N LYS A 226 10.68 -29.80 -3.86
CA LYS A 226 10.43 -31.04 -3.10
C LYS A 226 9.83 -32.14 -3.99
N GLU A 227 8.90 -31.76 -4.87
CA GLU A 227 8.20 -32.78 -5.66
C GLU A 227 9.05 -33.35 -6.78
N GLN A 228 9.93 -32.54 -7.38
CA GLN A 228 10.50 -32.89 -8.68
C GLN A 228 12.01 -32.83 -8.79
N GLU A 229 12.73 -32.19 -7.88
CA GLU A 229 14.18 -32.08 -8.04
C GLU A 229 14.85 -33.21 -7.26
N GLN A 230 15.70 -33.97 -7.93
CA GLN A 230 16.30 -35.14 -7.32
C GLN A 230 17.09 -34.77 -6.06
N GLY A 231 16.88 -35.54 -4.99
CA GLY A 231 17.55 -35.32 -3.73
C GLY A 231 16.80 -34.47 -2.71
N PHE A 232 15.75 -33.77 -3.11
CA PHE A 232 15.01 -32.97 -2.17
C PHE A 232 13.74 -33.63 -1.68
N GLU A 233 13.48 -34.90 -2.06
CA GLU A 233 12.20 -35.51 -1.75
C GLU A 233 11.95 -35.61 -0.25
N ASN A 234 12.99 -35.66 0.56
CA ASN A 234 12.86 -35.83 1.99
C ASN A 234 13.21 -34.57 2.78
N LYS A 235 13.38 -33.44 2.11
CA LYS A 235 13.63 -32.20 2.83
C LYS A 235 12.32 -31.51 3.10
N SER A 236 12.26 -30.78 4.21
CA SER A 236 11.02 -30.09 4.52
C SER A 236 10.89 -28.85 3.63
N ILE A 237 9.65 -28.36 3.52
CA ILE A 237 9.45 -27.12 2.78
C ILE A 237 10.29 -25.99 3.39
N ALA A 238 10.33 -25.89 4.73
CA ALA A 238 11.10 -24.83 5.36
C ALA A 238 12.59 -24.96 5.08
N GLU A 239 13.13 -26.19 5.10
CA GLU A 239 14.55 -26.37 4.77
C GLU A 239 14.83 -25.94 3.35
N ILE A 240 13.91 -26.23 2.43
CA ILE A 240 14.12 -25.87 1.02
C ILE A 240 14.10 -24.37 0.88
N VAL A 241 13.09 -23.72 1.48
CA VAL A 241 13.03 -22.25 1.43
C VAL A 241 14.31 -21.63 1.98
N HIS A 242 14.80 -22.13 3.12
CA HIS A 242 15.98 -21.50 3.70
C HIS A 242 17.18 -21.67 2.79
N GLU A 243 17.33 -22.84 2.18
CA GLU A 243 18.46 -23.03 1.27
C GLU A 243 18.34 -22.14 0.02
N MET A 244 17.12 -22.00 -0.53
CA MET A 244 16.95 -21.11 -1.68
C MET A 244 17.52 -19.72 -1.39
N PHE A 245 17.12 -19.12 -0.27
CA PHE A 245 17.54 -17.74 -0.05
C PHE A 245 19.01 -17.64 0.33
N SER A 246 19.65 -18.77 0.69
CA SER A 246 21.08 -18.74 0.93
C SER A 246 21.88 -18.40 -0.33
N TYR A 247 21.27 -18.45 -1.51
CA TYR A 247 21.96 -18.11 -2.75
C TYR A 247 21.67 -16.69 -3.22
N ALA A 248 21.14 -15.85 -2.34
CA ALA A 248 20.70 -14.51 -2.68
C ALA A 248 21.30 -13.49 -1.72
N ASP A 249 21.41 -12.24 -2.18
CA ASP A 249 21.87 -11.14 -1.35
C ASP A 249 20.72 -10.37 -0.70
N GLY A 250 19.50 -10.67 -1.07
CA GLY A 250 18.34 -9.98 -0.54
C GLY A 250 17.12 -10.42 -1.31
N CYS A 251 15.98 -9.83 -0.97
CA CYS A 251 14.78 -10.17 -1.72
C CYS A 251 13.74 -9.07 -1.60
N THR A 252 12.83 -9.04 -2.57
CA THR A 252 11.55 -8.32 -2.43
C THR A 252 10.45 -9.35 -2.28
N MET A 253 9.50 -9.06 -1.41
CA MET A 253 8.44 -10.03 -1.16
C MET A 253 7.09 -9.31 -1.14
N SER A 254 6.14 -9.81 -1.92
CA SER A 254 4.73 -9.48 -1.76
C SER A 254 4.12 -10.52 -0.82
N GLY A 255 3.93 -10.18 0.46
CA GLY A 255 3.32 -11.13 1.35
C GLY A 255 1.89 -11.46 0.95
N LYS A 256 1.27 -10.61 0.14
CA LYS A 256 -0.06 -10.82 -0.41
C LYS A 256 -0.17 -12.09 -1.23
N LYS A 257 0.96 -12.72 -1.57
CA LYS A 257 0.90 -14.01 -2.25
C LYS A 257 1.17 -15.08 -1.21
N ASP A 258 2.41 -15.57 -1.15
CA ASP A 258 2.64 -16.79 -0.39
C ASP A 258 2.68 -16.59 1.14
N CYS A 259 2.60 -15.36 1.68
CA CYS A 259 2.46 -15.24 3.15
C CYS A 259 1.01 -15.31 3.59
N LEU A 260 0.08 -15.62 2.70
CA LEU A 260 -1.31 -15.93 3.09
C LEU A 260 -2.02 -14.74 3.75
N VAL A 261 -1.81 -13.51 3.24
CA VAL A 261 -2.44 -12.32 3.83
C VAL A 261 -3.11 -11.48 2.76
N ASN A 262 -3.85 -10.47 3.22
CA ASN A 262 -4.58 -9.60 2.30
C ASN A 262 -3.83 -8.30 1.98
N ILE A 263 -2.73 -8.06 2.67
CA ILE A 263 -1.92 -6.85 2.46
C ILE A 263 -0.60 -7.17 3.12
N GLY A 264 0.47 -6.49 2.66
CA GLY A 264 1.77 -6.62 3.30
C GLY A 264 2.89 -7.07 2.35
N GLY A 265 4.12 -6.65 2.66
CA GLY A 265 5.30 -7.08 1.91
C GLY A 265 6.53 -6.69 2.70
N PHE A 266 7.71 -6.96 2.14
CA PHE A 266 8.92 -6.52 2.82
C PHE A 266 10.11 -6.59 1.88
N LEU A 267 11.20 -5.94 2.30
CA LEU A 267 12.49 -5.94 1.61
C LEU A 267 13.50 -6.57 2.57
N CYS A 268 14.27 -7.57 2.11
CA CYS A 268 15.33 -8.16 2.91
C CYS A 268 16.68 -7.90 2.28
N MET A 269 17.70 -7.79 3.10
CA MET A 269 19.05 -7.70 2.55
C MET A 269 20.04 -8.13 3.63
N ASN A 270 21.23 -8.57 3.19
CA ASN A 270 22.30 -8.86 4.12
C ASN A 270 23.26 -7.70 4.35
N ASP A 271 23.33 -6.73 3.44
CA ASP A 271 24.33 -5.66 3.51
C ASP A 271 23.97 -4.55 4.51
N ASP A 272 24.91 -4.21 5.40
CA ASP A 272 24.63 -3.19 6.42
C ASP A 272 24.39 -1.81 5.82
N GLU A 273 25.20 -1.40 4.84
CA GLU A 273 25.06 -0.05 4.30
C GLU A 273 23.77 0.08 3.49
N MET A 274 23.41 -0.98 2.74
CA MET A 274 22.16 -0.93 2.00
C MET A 274 20.97 -0.86 2.94
N PHE A 275 21.04 -1.58 4.07
CA PHE A 275 19.96 -1.51 5.07
C PHE A 275 19.82 -0.10 5.63
N SER A 276 20.94 0.57 5.91
CA SER A 276 20.89 1.94 6.40
C SER A 276 20.23 2.87 5.39
N SER A 277 20.65 2.76 4.12
CA SER A 277 20.03 3.53 3.06
C SER A 277 18.56 3.16 2.90
N ALA A 278 18.24 1.87 3.01
CA ALA A 278 16.84 1.45 2.88
C ALA A 278 15.96 2.10 3.94
N LYS A 279 16.46 2.23 5.16
CA LYS A 279 15.66 2.83 6.23
C LYS A 279 15.41 4.32 5.98
N GLU A 280 16.40 5.02 5.43
CA GLU A 280 16.19 6.42 5.06
C GLU A 280 15.06 6.57 4.05
N LEU A 281 15.06 5.70 3.04
CA LEU A 281 14.13 5.82 1.94
C LEU A 281 12.73 5.34 2.30
N VAL A 282 12.62 4.29 3.12
CA VAL A 282 11.28 3.77 3.44
C VAL A 282 10.42 4.85 4.09
N VAL A 283 11.05 5.75 4.85
CA VAL A 283 10.32 6.79 5.57
C VAL A 283 9.58 7.70 4.59
N VAL A 284 10.21 7.97 3.44
CA VAL A 284 9.65 8.88 2.45
C VAL A 284 8.38 8.29 1.84
N TYR A 285 8.40 6.98 1.52
CA TYR A 285 7.38 6.35 0.69
C TYR A 285 6.38 5.52 1.48
N GLU A 286 6.85 4.84 2.52
CA GLU A 286 6.04 3.81 3.18
C GLU A 286 5.65 4.18 4.61
N GLY A 287 6.63 4.56 5.42
CA GLY A 287 6.47 4.72 6.86
C GLY A 287 7.81 4.47 7.55
N MET A 288 7.82 4.58 8.88
CA MET A 288 9.01 4.28 9.64
C MET A 288 9.41 2.82 9.45
N PRO A 289 10.71 2.50 9.58
CA PRO A 289 11.15 1.12 9.38
C PRO A 289 10.52 0.13 10.33
N SER A 290 9.88 0.62 11.39
CA SER A 290 9.25 -0.21 12.40
C SER A 290 7.82 -0.60 12.03
N TYR A 291 7.27 -0.10 10.92
CA TYR A 291 5.97 -0.62 10.49
C TYR A 291 5.84 -0.57 8.96
N GLY A 292 6.58 0.31 8.29
CA GLY A 292 6.67 0.24 6.83
C GLY A 292 5.35 0.33 6.08
N GLY A 293 4.40 1.12 6.57
CA GLY A 293 3.14 1.31 5.88
C GLY A 293 2.10 0.25 6.17
N LEU A 294 2.32 -0.55 7.23
CA LEU A 294 1.42 -1.61 7.65
C LEU A 294 0.90 -1.36 9.07
N ALA A 295 -0.36 -1.67 9.31
CA ALA A 295 -0.80 -1.73 10.69
C ALA A 295 -0.07 -2.86 11.43
N GLY A 296 0.02 -2.70 12.76
CA GLY A 296 0.66 -3.75 13.55
C GLY A 296 0.01 -5.09 13.32
N ARG A 297 -1.33 -5.11 13.30
CA ARG A 297 -1.99 -6.41 13.19
C ARG A 297 -1.68 -7.08 11.83
N ASP A 298 -1.34 -6.32 10.80
CA ASP A 298 -0.97 -6.96 9.52
C ASP A 298 0.47 -7.49 9.54
N MET A 299 1.39 -6.80 10.22
CA MET A 299 2.70 -7.41 10.44
C MET A 299 2.55 -8.76 11.15
N GLU A 300 1.67 -8.79 12.16
CA GLU A 300 1.39 -10.04 12.86
C GLU A 300 0.80 -11.11 11.95
N ALA A 301 -0.22 -10.75 11.16
CA ALA A 301 -0.87 -11.73 10.30
C ALA A 301 0.12 -12.30 9.28
N MET A 302 1.00 -11.45 8.78
CA MET A 302 1.99 -11.88 7.79
C MET A 302 3.08 -12.77 8.44
N ALA A 303 3.50 -12.44 9.67
CA ALA A 303 4.44 -13.34 10.37
C ALA A 303 3.82 -14.72 10.61
N ILE A 304 2.55 -14.73 10.99
CA ILE A 304 1.90 -16.03 11.24
C ILE A 304 1.70 -16.78 9.93
N GLY A 305 1.30 -16.07 8.89
CA GLY A 305 0.96 -16.74 7.64
C GLY A 305 2.19 -17.30 6.95
N LEU A 306 3.32 -16.58 7.00
CA LEU A 306 4.51 -17.12 6.36
C LEU A 306 4.89 -18.45 6.99
N ARG A 307 4.76 -18.54 8.30
CA ARG A 307 5.07 -19.81 8.93
C ARG A 307 4.03 -20.88 8.61
N GLU A 308 2.73 -20.52 8.47
CA GLU A 308 1.73 -21.52 8.06
C GLU A 308 2.00 -22.06 6.68
N ALA A 309 2.55 -21.21 5.82
CA ALA A 309 2.83 -21.61 4.44
C ALA A 309 3.85 -22.73 4.38
N MET A 310 4.68 -22.89 5.42
CA MET A 310 5.68 -23.97 5.42
CA MET A 310 5.69 -23.96 5.45
C MET A 310 5.08 -25.35 5.66
N GLN A 311 3.79 -25.44 5.99
CA GLN A 311 3.18 -26.76 6.20
C GLN A 311 3.05 -27.51 4.87
N TYR A 312 3.68 -28.69 4.79
CA TYR A 312 3.69 -29.48 3.56
C TYR A 312 2.30 -29.70 3.01
N GLU A 313 1.37 -30.19 3.85
CA GLU A 313 0.08 -30.55 3.31
C GLU A 313 -0.64 -29.32 2.76
N TYR A 314 -0.41 -28.17 3.39
CA TYR A 314 -1.04 -26.93 2.93
C TYR A 314 -0.58 -26.62 1.50
N ILE A 315 0.74 -26.61 1.29
CA ILE A 315 1.21 -26.14 -0.02
C ILE A 315 1.04 -27.23 -1.09
N GLU A 316 1.11 -28.53 -0.72
CA GLU A 316 0.77 -29.61 -1.65
C GLU A 316 -0.65 -29.45 -2.15
N HIS A 317 -1.58 -29.19 -1.23
CA HIS A 317 -2.97 -29.04 -1.65
C HIS A 317 -3.14 -27.79 -2.51
N ARG A 318 -2.48 -26.70 -2.11
CA ARG A 318 -2.57 -25.45 -2.85
C ARG A 318 -2.24 -25.71 -4.31
N VAL A 319 -1.06 -26.27 -4.55
CA VAL A 319 -0.58 -26.51 -5.91
C VAL A 319 -1.44 -27.55 -6.62
N LYS A 320 -1.85 -28.64 -5.93
CA LYS A 320 -2.58 -29.69 -6.63
C LYS A 320 -4.01 -29.26 -6.97
N GLN A 321 -4.57 -28.34 -6.19
CA GLN A 321 -5.88 -27.80 -6.56
C GLN A 321 -5.79 -27.05 -7.88
N VAL A 322 -4.75 -26.22 -8.05
CA VAL A 322 -4.51 -25.57 -9.35
C VAL A 322 -4.32 -26.64 -10.44
N ARG A 323 -3.48 -27.64 -10.16
CA ARG A 323 -3.22 -28.71 -11.13
C ARG A 323 -4.53 -29.41 -11.53
N TYR A 324 -5.42 -29.64 -10.56
CA TYR A 324 -6.72 -30.27 -10.87
C TYR A 324 -7.47 -29.49 -11.95
N LEU A 325 -7.54 -28.17 -11.78
CA LEU A 325 -8.22 -27.35 -12.78
C LEU A 325 -7.55 -27.50 -14.13
N GLY A 326 -6.22 -27.49 -14.16
CA GLY A 326 -5.54 -27.60 -15.44
C GLY A 326 -5.74 -28.97 -16.06
N ASP A 327 -5.70 -30.01 -15.23
CA ASP A 327 -5.87 -31.38 -15.70
C ASP A 327 -7.25 -31.58 -16.33
N LYS A 328 -8.28 -31.02 -15.70
CA LYS A 328 -9.62 -31.15 -16.23
C LYS A 328 -9.76 -30.40 -17.57
N LEU A 329 -9.19 -29.20 -17.65
CA LEU A 329 -9.22 -28.46 -18.91
C LEU A 329 -8.42 -29.17 -20.00
N LYS A 330 -7.23 -29.69 -19.66
CA LYS A 330 -6.42 -30.38 -20.67
C LYS A 330 -7.08 -31.68 -21.12
N ALA A 331 -7.72 -32.41 -20.20
CA ALA A 331 -8.43 -33.62 -20.59
C ALA A 331 -9.54 -33.35 -21.61
N ALA A 332 -10.03 -32.12 -21.67
CA ALA A 332 -11.09 -31.78 -22.60
C ALA A 332 -10.58 -31.11 -23.87
N GLY A 333 -9.26 -30.98 -24.04
CA GLY A 333 -8.73 -30.35 -25.24
C GLY A 333 -8.57 -28.84 -25.15
N VAL A 334 -8.85 -28.23 -24.00
CA VAL A 334 -8.71 -26.76 -23.86
C VAL A 334 -7.22 -26.41 -23.87
N PRO A 335 -6.77 -25.48 -24.72
CA PRO A 335 -5.32 -25.16 -24.78
C PRO A 335 -4.88 -24.29 -23.60
N ILE A 336 -3.84 -24.74 -22.91
CA ILE A 336 -3.37 -24.08 -21.70
C ILE A 336 -1.86 -24.04 -21.75
N VAL A 337 -1.29 -23.13 -20.95
CA VAL A 337 0.14 -23.15 -20.70
C VAL A 337 0.47 -24.42 -19.92
N GLU A 338 1.57 -25.07 -20.31
CA GLU A 338 2.04 -26.26 -19.61
C GLU A 338 3.51 -26.10 -19.23
N PRO A 339 3.96 -26.77 -18.17
CA PRO A 339 3.14 -27.45 -17.16
C PRO A 339 2.35 -26.41 -16.37
N VAL A 340 1.29 -26.86 -15.70
CA VAL A 340 0.52 -25.95 -14.87
C VAL A 340 1.43 -25.45 -13.77
N GLY A 341 1.39 -24.14 -13.53
CA GLY A 341 2.22 -23.53 -12.51
C GLY A 341 1.60 -23.58 -11.12
N GLY A 342 2.22 -22.84 -10.20
CA GLY A 342 1.85 -22.96 -8.79
C GLY A 342 0.56 -22.27 -8.40
N HIS A 343 0.15 -21.21 -9.11
CA HIS A 343 -0.89 -20.30 -8.60
C HIS A 343 -2.10 -20.09 -9.51
N ALA A 344 -2.09 -20.62 -10.73
CA ALA A 344 -3.02 -20.25 -11.79
C ALA A 344 -2.88 -21.21 -12.95
N VAL A 345 -3.98 -21.34 -13.70
CA VAL A 345 -3.99 -21.94 -15.03
C VAL A 345 -4.07 -20.79 -16.03
N PHE A 346 -3.22 -20.83 -17.05
N PHE A 346 -3.30 -20.88 -17.10
CA PHE A 346 -3.19 -19.85 -18.12
CA PHE A 346 -3.20 -19.83 -18.11
C PHE A 346 -3.77 -20.51 -19.36
C PHE A 346 -3.81 -20.35 -19.41
N LEU A 347 -4.94 -20.06 -19.78
N LEU A 347 -5.00 -19.85 -19.74
CA LEU A 347 -5.41 -20.47 -21.10
CA LEU A 347 -5.63 -20.19 -21.02
C LEU A 347 -4.56 -19.81 -22.18
C LEU A 347 -4.87 -19.56 -22.18
N ASP A 348 -4.24 -20.57 -23.25
N ASP A 348 -4.31 -20.40 -23.07
CA ASP A 348 -3.45 -20.07 -24.36
CA ASP A 348 -3.60 -19.88 -24.23
C ASP A 348 -4.40 -19.36 -25.31
C ASP A 348 -4.60 -19.18 -25.14
N ALA A 349 -4.42 -18.04 -25.22
N ALA A 349 -4.54 -17.86 -25.16
CA ALA A 349 -5.37 -17.26 -26.00
CA ALA A 349 -5.50 -17.09 -25.94
C ALA A 349 -5.07 -17.36 -27.49
C ALA A 349 -5.30 -17.30 -27.44
N ARG A 350 -3.81 -17.60 -27.86
N ARG A 350 -4.04 -17.50 -27.87
CA ARG A 350 -3.46 -17.72 -29.29
CA ARG A 350 -3.76 -17.72 -29.29
C ARG A 350 -4.17 -18.90 -29.95
C ARG A 350 -4.52 -18.93 -29.82
N ARG A 351 -4.45 -19.96 -29.19
N ARG A 351 -4.30 -20.09 -29.20
CA ARG A 351 -5.08 -21.18 -29.70
CA ARG A 351 -4.91 -21.33 -29.67
C ARG A 351 -6.57 -21.21 -29.43
C ARG A 351 -6.40 -21.41 -29.38
N PHE A 352 -7.01 -20.70 -28.28
N PHE A 352 -6.84 -20.85 -28.25
CA PHE A 352 -8.42 -20.45 -28.07
CA PHE A 352 -8.26 -20.86 -27.93
C PHE A 352 -8.96 -19.50 -29.15
C PHE A 352 -9.07 -20.11 -28.97
N CYS A 353 -8.16 -18.48 -29.51
N CYS A 353 -8.52 -19.03 -29.52
CA CYS A 353 -8.56 -17.49 -30.50
CA CYS A 353 -9.30 -18.17 -30.41
C CYS A 353 -7.62 -17.44 -31.69
C CYS A 353 -8.61 -18.11 -31.78
N GLU A 354 -7.39 -18.59 -32.34
N GLU A 354 -9.03 -19.00 -32.67
CA GLU A 354 -6.51 -18.64 -33.51
CA GLU A 354 -8.55 -19.01 -34.04
C GLU A 354 -7.00 -17.75 -34.63
C GLU A 354 -9.59 -18.52 -35.05
N HIS A 355 -8.30 -17.45 -34.68
N HIS A 355 -10.88 -18.62 -34.73
CA HIS A 355 -8.87 -16.58 -35.70
CA HIS A 355 -11.88 -18.05 -35.64
C HIS A 355 -8.45 -15.12 -35.54
C HIS A 355 -12.00 -16.54 -35.50
N LEU A 356 -7.79 -14.76 -34.44
N LEU A 356 -11.42 -15.95 -34.45
CA LEU A 356 -7.37 -13.39 -34.16
CA LEU A 356 -11.31 -14.51 -34.29
C LEU A 356 -5.84 -13.28 -34.22
C LEU A 356 -9.86 -14.08 -34.50
N THR A 357 -5.34 -12.14 -34.70
N THR A 357 -9.68 -12.86 -35.00
CA THR A 357 -3.93 -11.81 -34.49
CA THR A 357 -8.35 -12.29 -35.13
C THR A 357 -3.74 -11.15 -33.12
C THR A 357 -7.89 -11.70 -33.80
N GLN A 358 -2.49 -11.17 -32.64
N GLN A 358 -6.60 -11.33 -33.75
CA GLN A 358 -2.19 -10.59 -31.33
CA GLN A 358 -6.07 -10.70 -32.54
C GLN A 358 -2.46 -9.08 -31.28
C GLN A 358 -6.73 -9.35 -32.28
N ASP A 359 -2.45 -8.40 -32.43
N ASP A 359 -7.12 -8.65 -33.35
CA ASP A 359 -2.82 -6.99 -32.46
CA ASP A 359 -7.75 -7.35 -33.26
C ASP A 359 -4.31 -6.76 -32.24
C ASP A 359 -9.21 -7.42 -32.81
N GLU A 360 -5.13 -7.80 -32.31
N GLU A 360 -9.80 -8.62 -32.74
CA GLU A 360 -6.54 -7.73 -31.96
CA GLU A 360 -11.11 -8.79 -32.16
C GLU A 360 -6.77 -8.08 -30.49
C GLU A 360 -11.05 -9.05 -30.66
N PHE A 361 -5.71 -8.25 -29.73
N PHE A 361 -9.88 -8.88 -30.06
CA PHE A 361 -5.70 -8.47 -28.28
CA PHE A 361 -9.63 -8.92 -28.62
C PHE A 361 -6.55 -9.67 -27.87
C PHE A 361 -10.07 -10.26 -28.02
N PRO A 362 -6.24 -10.87 -28.35
N PRO A 362 -9.47 -11.37 -28.49
CA PRO A 362 -7.13 -12.01 -28.06
CA PRO A 362 -10.00 -12.69 -28.10
C PRO A 362 -7.18 -12.38 -26.60
C PRO A 362 -9.87 -13.00 -26.62
N ALA A 363 -6.09 -12.18 -25.85
N ALA A 363 -8.75 -12.64 -25.99
CA ALA A 363 -6.15 -12.47 -24.42
CA ALA A 363 -8.60 -12.86 -24.56
C ALA A 363 -7.09 -11.49 -23.71
C ALA A 363 -9.70 -12.16 -23.76
N GLN A 364 -6.98 -10.19 -24.01
N GLN A 364 -10.10 -10.96 -24.19
CA GLN A 364 -7.92 -9.25 -23.40
CA GLN A 364 -11.07 -10.20 -23.41
C GLN A 364 -9.34 -9.65 -23.76
C GLN A 364 -12.47 -10.80 -23.52
N SER A 365 -9.56 -10.03 -25.01
N SER A 365 -12.82 -11.33 -24.69
CA SER A 365 -10.90 -10.34 -25.50
CA SER A 365 -14.15 -11.93 -24.87
C SER A 365 -11.44 -11.62 -24.88
C SER A 365 -14.19 -13.36 -24.33
N LEU A 366 -10.59 -12.63 -24.69
N LEU A 366 -13.08 -14.09 -24.43
CA LEU A 366 -11.05 -13.89 -24.13
CA LEU A 366 -12.94 -15.34 -23.71
C LEU A 366 -11.47 -13.70 -22.67
C LEU A 366 -13.27 -15.15 -22.23
N ALA A 367 -10.73 -12.89 -21.92
N ALA A 367 -12.60 -14.19 -21.61
CA ALA A 367 -11.10 -12.67 -20.52
CA ALA A 367 -12.83 -13.92 -20.19
C ALA A 367 -12.48 -12.01 -20.42
C ALA A 367 -14.26 -13.43 -19.96
N ALA A 368 -12.78 -11.09 -21.34
N ALA A 368 -14.80 -12.63 -20.87
CA ALA A 368 -14.09 -10.46 -21.35
CA ALA A 368 -16.18 -12.19 -20.75
C ALA A 368 -15.18 -11.50 -21.62
C ALA A 368 -17.15 -13.37 -20.73
N SER A 369 -14.96 -12.37 -22.61
N SER A 369 -16.97 -14.33 -21.64
CA SER A 369 -15.99 -13.33 -22.99
CA SER A 369 -17.93 -15.42 -21.71
C SER A 369 -16.21 -14.37 -21.90
C SER A 369 -17.80 -16.36 -20.53
N ILE A 370 -15.13 -14.84 -21.26
N ILE A 370 -16.59 -16.53 -19.99
CA ILE A 370 -15.28 -15.71 -20.09
CA ILE A 370 -16.39 -17.37 -18.80
C ILE A 370 -16.20 -15.08 -19.05
C ILE A 370 -17.15 -16.79 -17.61
N TYR A 371 -16.01 -13.79 -18.76
N TYR A 371 -17.27 -15.48 -17.57
CA TYR A 371 -16.90 -13.18 -17.78
CA TYR A 371 -17.99 -14.76 -16.52
C TYR A 371 -18.35 -13.21 -18.27
C TYR A 371 -19.49 -14.68 -16.77
N VAL A 372 -18.58 -12.88 -19.54
N VAL A 372 -19.97 -14.99 -17.96
CA VAL A 372 -19.95 -12.75 -20.00
CA VAL A 372 -21.39 -14.97 -18.24
C VAL A 372 -20.68 -14.10 -19.95
C VAL A 372 -22.03 -16.34 -18.05
N GLU A 373 -20.03 -15.17 -20.39
N GLU A 373 -21.42 -17.39 -18.60
CA GLU A 373 -20.69 -16.46 -20.45
CA GLU A 373 -21.96 -18.74 -18.47
C GLU A 373 -20.70 -17.22 -19.11
C GLU A 373 -21.65 -19.36 -17.12
N THR A 374 -19.85 -16.82 -18.17
N THR A 374 -20.60 -18.90 -16.47
CA THR A 374 -19.66 -17.58 -16.94
CA THR A 374 -20.29 -19.36 -15.14
C THR A 374 -19.77 -16.74 -15.68
C THR A 374 -20.23 -18.24 -14.12
N GLY A 375 -19.57 -15.43 -15.77
N GLY A 375 -19.70 -17.07 -14.47
CA GLY A 375 -19.44 -14.62 -14.55
CA GLY A 375 -19.56 -15.98 -13.52
C GLY A 375 -18.15 -14.85 -13.77
C GLY A 375 -18.16 -15.73 -13.04
N VAL A 376 -17.29 -15.76 -14.22
N VAL A 376 -17.15 -16.13 -13.80
CA VAL A 376 -15.99 -15.95 -13.58
CA VAL A 376 -15.76 -16.16 -13.34
C VAL A 376 -15.09 -14.81 -14.04
C VAL A 376 -14.99 -15.01 -13.96
N ARG A 377 -14.37 -14.19 -13.10
CA ARG A 377 -13.43 -13.18 -13.53
C ARG A 377 -12.06 -13.81 -13.70
N SER A 378 -11.37 -13.46 -14.80
CA SER A 378 -9.98 -13.83 -15.08
C SER A 378 -9.22 -12.60 -15.58
N MET A 379 -7.88 -12.69 -15.65
CA MET A 379 -7.02 -11.56 -16.02
C MET A 379 -6.32 -11.70 -17.38
N GLU A 380 -6.23 -10.60 -18.13
CA GLU A 380 -5.36 -10.54 -19.32
C GLU A 380 -3.88 -10.67 -18.95
N ARG A 381 -3.14 -11.57 -19.67
CA ARG A 381 -1.68 -11.74 -19.46
C ARG A 381 -1.03 -11.99 -20.83
N GLY A 382 -1.02 -10.95 -21.63
CA GLY A 382 -0.42 -11.01 -22.96
C GLY A 382 0.05 -9.64 -23.36
N ILE A 383 -0.25 -9.25 -24.61
CA ILE A 383 0.33 -8.05 -25.20
C ILE A 383 -0.10 -6.77 -24.46
N ILE A 384 -1.30 -6.76 -23.84
CA ILE A 384 -1.74 -5.57 -23.11
C ILE A 384 -0.88 -5.37 -21.87
N SER A 385 -0.64 -6.44 -21.11
CA SER A 385 0.20 -6.34 -19.91
C SER A 385 1.66 -6.03 -20.24
N ALA A 386 2.15 -6.50 -21.40
CA ALA A 386 3.56 -6.35 -21.75
C ALA A 386 3.96 -4.90 -21.95
N GLY A 387 3.01 -4.00 -22.19
CA GLY A 387 3.32 -2.59 -22.34
C GLY A 387 3.99 -2.32 -23.67
N ARG A 388 4.54 -1.11 -23.78
CA ARG A 388 5.19 -0.67 -25.00
C ARG A 388 6.69 -0.54 -24.79
N ASN A 389 7.44 -0.78 -25.87
CA ASN A 389 8.87 -0.53 -25.91
C ASN A 389 9.11 0.97 -25.72
N ASN A 390 9.92 1.33 -24.72
CA ASN A 390 10.08 2.74 -24.37
C ASN A 390 11.00 3.50 -25.32
N VAL A 391 11.57 2.85 -26.32
CA VAL A 391 12.39 3.53 -27.33
C VAL A 391 11.64 3.68 -28.65
N THR A 392 10.91 2.64 -29.08
CA THR A 392 10.23 2.66 -30.36
C THR A 392 8.75 3.04 -30.28
N GLY A 393 8.10 2.85 -29.13
CA GLY A 393 6.69 3.16 -29.01
C GLY A 393 5.75 2.09 -29.50
N GLU A 394 6.27 0.93 -29.90
CA GLU A 394 5.49 -0.20 -30.38
C GLU A 394 5.14 -1.12 -29.21
N HIS A 395 4.13 -1.96 -29.42
CA HIS A 395 3.82 -2.98 -28.42
C HIS A 395 5.06 -3.85 -28.18
N HIS A 396 5.35 -4.14 -26.91
CA HIS A 396 6.07 -5.36 -26.63
C HIS A 396 5.20 -6.53 -27.09
N ARG A 397 5.80 -7.52 -27.75
CA ARG A 397 5.06 -8.59 -28.39
C ARG A 397 5.48 -9.94 -27.78
N PRO A 398 4.89 -10.33 -26.66
CA PRO A 398 5.26 -11.61 -26.03
C PRO A 398 4.66 -12.79 -26.78
N LYS A 399 5.44 -13.89 -26.83
CA LYS A 399 4.94 -15.14 -27.40
C LYS A 399 3.79 -15.70 -26.56
N LEU A 400 3.82 -15.46 -25.24
CA LEU A 400 2.77 -15.91 -24.33
C LEU A 400 1.66 -14.87 -24.35
N GLU A 401 0.55 -15.19 -25.04
CA GLU A 401 -0.68 -14.40 -25.03
C GLU A 401 -1.75 -15.22 -24.32
N THR A 402 -1.99 -14.92 -23.04
CA THR A 402 -2.70 -15.85 -22.16
C THR A 402 -3.77 -15.14 -21.33
N VAL A 403 -4.73 -15.94 -20.84
CA VAL A 403 -5.77 -15.49 -19.91
C VAL A 403 -5.65 -16.29 -18.63
N ARG A 404 -5.54 -15.60 -17.51
CA ARG A 404 -5.12 -16.25 -16.28
C ARG A 404 -6.32 -16.54 -15.39
N LEU A 405 -6.49 -17.80 -15.04
CA LEU A 405 -7.42 -18.20 -13.96
C LEU A 405 -6.59 -18.32 -12.68
N THR A 406 -6.62 -17.30 -11.84
CA THR A 406 -5.66 -17.18 -10.75
C THR A 406 -6.35 -17.62 -9.47
N ILE A 407 -5.72 -18.50 -8.69
CA ILE A 407 -6.45 -19.17 -7.61
C ILE A 407 -6.01 -18.56 -6.28
N PRO A 408 -6.86 -17.82 -5.57
CA PRO A 408 -6.54 -17.38 -4.19
C PRO A 408 -6.35 -18.59 -3.30
N ARG A 409 -5.49 -18.44 -2.27
CA ARG A 409 -5.11 -19.57 -1.42
C ARG A 409 -6.19 -19.78 -0.37
N ARG A 410 -6.70 -21.02 -0.26
CA ARG A 410 -7.61 -21.46 0.80
C ARG A 410 -9.02 -20.85 0.67
N VAL A 411 -9.41 -20.39 -0.52
CA VAL A 411 -10.71 -19.73 -0.71
C VAL A 411 -11.74 -20.64 -1.37
N TYR A 412 -11.34 -21.38 -2.37
CA TYR A 412 -12.26 -22.16 -3.19
C TYR A 412 -12.04 -23.65 -2.98
N THR A 413 -12.99 -24.44 -3.49
CA THR A 413 -12.99 -25.91 -3.42
C THR A 413 -12.80 -26.55 -4.81
N TYR A 414 -12.66 -27.89 -4.84
CA TYR A 414 -12.65 -28.58 -6.13
C TYR A 414 -13.97 -28.45 -6.86
N ALA A 415 -15.08 -28.33 -6.11
CA ALA A 415 -16.36 -28.12 -6.76
C ALA A 415 -16.40 -26.78 -7.46
N HIS A 416 -15.75 -25.77 -6.88
CA HIS A 416 -15.64 -24.49 -7.57
C HIS A 416 -14.74 -24.62 -8.79
N MET A 417 -13.63 -25.36 -8.67
CA MET A 417 -12.84 -25.65 -9.86
C MET A 417 -13.65 -26.34 -10.95
N ASP A 418 -14.53 -27.29 -10.58
CA ASP A 418 -15.36 -27.93 -11.60
C ASP A 418 -16.30 -26.94 -12.27
N VAL A 419 -16.86 -25.99 -11.50
CA VAL A 419 -17.73 -24.99 -12.12
C VAL A 419 -16.96 -24.19 -13.16
N VAL A 420 -15.77 -23.74 -12.78
CA VAL A 420 -14.92 -22.99 -13.71
C VAL A 420 -14.62 -23.84 -14.94
N ALA A 421 -14.06 -25.04 -14.72
CA ALA A 421 -13.68 -25.90 -15.85
C ALA A 421 -14.88 -26.21 -16.75
N ASP A 422 -16.03 -26.56 -16.14
CA ASP A 422 -17.19 -26.93 -16.96
C ASP A 422 -17.65 -25.76 -17.83
N GLY A 423 -17.51 -24.54 -17.30
CA GLY A 423 -17.88 -23.36 -18.06
C GLY A 423 -16.92 -23.03 -19.19
N ILE A 424 -15.61 -23.20 -18.95
CA ILE A 424 -14.65 -22.87 -20.01
C ILE A 424 -14.73 -23.90 -21.13
N ILE A 425 -14.96 -25.17 -20.77
CA ILE A 425 -15.12 -26.20 -21.76
C ILE A 425 -16.28 -25.86 -22.70
N LYS A 426 -17.35 -25.25 -22.16
CA LYS A 426 -18.48 -24.90 -23.01
C LYS A 426 -18.14 -23.72 -23.92
N LEU A 427 -17.52 -22.68 -23.37
CA LEU A 427 -17.06 -21.59 -24.22
C LEU A 427 -16.11 -22.08 -25.31
N TYR A 428 -15.26 -23.07 -25.00
N TYR A 428 -15.52 -23.27 -25.11
CA TYR A 428 -14.30 -23.51 -25.99
CA TYR A 428 -14.67 -23.98 -26.07
C TYR A 428 -14.98 -23.92 -27.28
C TYR A 428 -15.35 -25.16 -26.77
N GLN A 429 -16.21 -24.43 -27.18
N GLN A 429 -16.32 -25.83 -26.12
CA GLN A 429 -16.92 -25.01 -28.30
CA GLN A 429 -17.05 -26.91 -26.79
C GLN A 429 -17.62 -23.97 -29.18
C GLN A 429 -17.88 -26.39 -27.94
N HIS A 430 -17.46 -22.68 -28.89
N HIS A 430 -18.54 -25.25 -27.75
CA HIS A 430 -17.79 -21.63 -29.85
CA HIS A 430 -19.07 -24.47 -28.83
C HIS A 430 -16.77 -20.50 -29.76
C HIS A 430 -18.19 -23.23 -28.98
N LYS A 431 -15.49 -20.89 -29.73
N LYS A 431 -16.89 -23.47 -29.19
CA LYS A 431 -14.37 -19.95 -29.61
CA LYS A 431 -15.92 -22.36 -29.21
C LYS A 431 -14.34 -18.94 -30.74
C LYS A 431 -16.30 -21.31 -30.25
N GLU A 432 -14.88 -19.27 -31.91
N GLU A 432 -16.67 -21.75 -31.45
CA GLU A 432 -14.83 -18.42 -33.09
CA GLU A 432 -16.96 -20.86 -32.57
C GLU A 432 -15.65 -17.13 -32.92
C GLU A 432 -18.07 -19.86 -32.25
N ASP A 433 -16.48 -17.05 -31.88
N ASP A 433 -18.78 -20.02 -31.15
CA ASP A 433 -17.37 -15.92 -31.65
CA ASP A 433 -19.86 -19.11 -30.77
C ASP A 433 -16.70 -14.73 -30.97
C ASP A 433 -19.37 -17.83 -30.11
N ILE A 434 -15.51 -14.92 -30.41
N ILE A 434 -18.09 -17.74 -29.73
CA ILE A 434 -14.83 -13.89 -29.63
CA ILE A 434 -17.62 -16.57 -28.98
C ILE A 434 -14.22 -12.86 -30.58
C ILE A 434 -17.36 -15.43 -29.95
N ARG A 435 -14.60 -11.60 -30.43
N ARG A 435 -17.83 -14.25 -29.59
CA ARG A 435 -14.19 -10.55 -31.37
CA ARG A 435 -17.80 -13.10 -30.49
C ARG A 435 -12.87 -9.90 -30.95
C ARG A 435 -16.67 -12.15 -30.11
N GLY A 436 -12.22 -9.26 -31.92
N GLY A 436 -15.93 -11.72 -31.13
CA GLY A 436 -11.02 -8.53 -31.62
CA GLY A 436 -14.92 -10.70 -30.94
C GLY A 436 -11.31 -7.19 -30.96
C GLY A 436 -15.52 -9.42 -30.39
N LEU A 437 -10.31 -6.68 -30.23
N LEU A 437 -14.64 -8.55 -29.93
CA LEU A 437 -10.42 -5.43 -29.47
CA LEU A 437 -15.03 -7.27 -29.36
C LEU A 437 -9.39 -4.42 -29.96
C LEU A 437 -14.33 -6.14 -30.09
N LYS A 438 -9.67 -3.14 -29.65
N LYS A 438 -14.94 -4.97 -30.04
CA LYS A 438 -8.76 -2.03 -29.91
CA LYS A 438 -14.30 -3.73 -30.44
C LYS A 438 -8.90 -0.99 -28.80
C LYS A 438 -14.38 -2.73 -29.28
N PHE A 439 -7.83 -0.22 -28.58
N PHE A 439 -13.54 -1.71 -29.33
CA PHE A 439 -7.80 0.78 -27.51
CA PHE A 439 -13.60 -0.66 -28.32
C PHE A 439 -8.74 1.94 -27.82
C PHE A 439 -14.83 0.20 -28.53
N ILE A 440 -9.52 2.34 -26.81
N ILE A 440 -15.44 0.63 -27.43
CA ILE A 440 -10.12 3.67 -26.79
CA ILE A 440 -16.38 1.76 -27.45
C ILE A 440 -9.55 4.53 -25.68
C ILE A 440 -15.94 2.89 -26.54
N TYR A 441 -8.95 3.93 -24.65
N TYR A 441 -15.07 2.63 -25.57
CA TYR A 441 -8.18 4.66 -23.64
CA TYR A 441 -14.32 3.63 -24.82
C TYR A 441 -6.98 3.81 -23.25
C TYR A 441 -12.91 3.10 -24.64
N GLU A 442 -5.78 4.37 -23.39
N GLU A 442 -11.92 3.92 -24.95
CA GLU A 442 -4.56 3.66 -23.04
CA GLU A 442 -10.51 3.48 -24.91
C GLU A 442 -3.74 4.50 -22.06
C GLU A 442 -9.63 4.63 -24.46
N PRO A 443 -3.53 4.03 -20.83
N PRO A 443 -9.17 4.63 -23.23
CA PRO A 443 -2.57 4.70 -19.93
CA PRO A 443 -8.21 5.65 -22.78
C PRO A 443 -1.16 4.71 -20.51
C PRO A 443 -6.79 5.34 -23.23
N LYS A 444 -0.36 5.69 -20.04
N LYS A 444 -5.95 6.37 -23.18
CA LYS A 444 1.02 5.84 -20.47
CA LYS A 444 -4.57 6.24 -23.63
C LYS A 444 1.97 4.85 -19.82
C LYS A 444 -3.73 5.38 -22.69
N GLN A 445 1.55 4.19 -18.74
N GLN A 445 -4.14 5.19 -21.44
CA GLN A 445 2.34 3.13 -18.13
CA GLN A 445 -3.40 4.30 -20.56
C GLN A 445 1.38 2.16 -17.45
C GLN A 445 -4.33 3.62 -19.57
N LEU A 446 1.85 0.92 -17.26
N LEU A 446 -3.85 2.51 -19.01
CA LEU A 446 1.07 -0.13 -16.65
CA LEU A 446 -4.63 1.64 -18.13
C LEU A 446 -0.37 -0.11 -17.17
C LEU A 446 -5.93 1.19 -18.80
N ARG A 447 -0.49 -0.05 -18.50
N ARG A 447 -5.86 0.93 -20.10
CA ARG A 447 -1.74 0.28 -19.16
CA ARG A 447 -7.09 0.60 -20.84
C ARG A 447 -2.83 -0.75 -18.93
C ARG A 447 -7.71 -0.70 -20.32
N PHE A 448 -2.46 -2.01 -18.66
N PHE A 448 -6.89 -1.73 -20.10
CA PHE A 448 -3.45 -3.07 -18.52
CA PHE A 448 -7.42 -2.99 -19.58
C PHE A 448 -4.42 -2.79 -17.38
C PHE A 448 -8.25 -2.79 -18.32
N PHE A 449 -3.99 -2.03 -16.36
N PHE A 449 -8.01 -1.72 -17.57
CA PHE A 449 -4.78 -1.86 -15.14
CA PHE A 449 -8.66 -1.51 -16.28
C PHE A 449 -6.12 -1.19 -15.44
C PHE A 449 -10.02 -0.81 -16.38
N THR A 450 -6.12 -0.08 -16.19
N THR A 450 -10.23 0.07 -17.37
CA THR A 450 -7.34 0.69 -16.42
CA THR A 450 -11.48 0.80 -17.47
C THR A 450 -7.58 1.00 -17.88
C THR A 450 -12.08 0.85 -18.86
N ALA A 451 -6.95 0.28 -18.80
N ALA A 451 -11.45 0.24 -19.87
CA ALA A 451 -7.23 0.50 -20.21
CA ALA A 451 -11.99 0.26 -21.22
C ALA A 451 -8.70 0.23 -20.52
C ALA A 451 -13.31 -0.50 -21.28
N ARG A 452 -9.21 0.93 -21.53
N ARG A 452 -14.19 -0.05 -22.18
CA ARG A 452 -10.58 0.76 -22.02
CA ARG A 452 -15.45 -0.73 -22.42
C ARG A 452 -10.50 0.43 -23.50
C ARG A 452 -15.51 -1.18 -23.87
N PHE A 453 -11.28 -0.55 -23.92
N PHE A 453 -16.12 -2.34 -24.09
CA PHE A 453 -11.25 -1.10 -25.26
CA PHE A 453 -16.19 -2.99 -25.39
C PHE A 453 -12.64 -1.03 -25.88
C PHE A 453 -17.64 -3.23 -25.77
N ASP A 454 -12.69 -1.34 -27.17
N ASP A 454 -17.83 -3.75 -27.00
CA ASP A 454 -13.94 -1.52 -27.88
CA ASP A 454 -19.10 -4.26 -27.47
C ASP A 454 -13.73 -2.60 -28.94
C ASP A 454 -18.82 -5.30 -28.55
N TYR A 455 -14.81 -3.24 -29.36
N TYR A 455 -19.77 -6.21 -28.75
CA TYR A 455 -14.71 -4.28 -30.37
CA TYR A 455 -19.57 -7.32 -29.68
C TYR A 455 -14.33 -3.68 -31.73
C TYR A 455 -19.65 -6.84 -31.12
N ILE A 456 -13.57 -4.44 -32.50
N ILE A 456 -18.85 -7.46 -32.00
CA ILE A 456 -13.14 -3.99 -33.83
CA ILE A 456 -18.82 -7.12 -33.42
C ILE A 456 -14.28 -4.17 -34.83
C ILE A 456 -20.05 -7.63 -34.15
N ASN B 2 -14.36 23.80 31.40
CA ASN B 2 -15.16 22.58 31.33
C ASN B 2 -14.45 21.47 30.57
N TYR B 3 -14.53 20.24 31.08
CA TYR B 3 -13.95 19.09 30.39
C TYR B 3 -15.00 18.00 30.34
N PRO B 4 -15.51 17.67 29.16
CA PRO B 4 -16.59 16.67 29.05
C PRO B 4 -16.11 15.26 29.35
N ALA B 5 -17.05 14.43 29.83
CA ALA B 5 -16.82 13.00 29.92
C ALA B 5 -16.63 12.39 28.52
N GLU B 6 -15.97 11.23 28.47
CA GLU B 6 -15.84 10.48 27.22
C GLU B 6 -17.23 10.21 26.63
N PRO B 7 -17.47 10.55 25.35
CA PRO B 7 -18.78 10.32 24.77
C PRO B 7 -18.86 8.93 24.17
N PHE B 8 -18.27 7.96 24.87
CA PHE B 8 -18.26 6.56 24.45
C PHE B 8 -17.95 5.78 25.71
N ARG B 9 -18.19 4.47 25.65
CA ARG B 9 -17.69 3.63 26.74
C ARG B 9 -16.69 2.66 26.19
N ILE B 10 -16.05 1.92 27.09
CA ILE B 10 -14.98 1.04 26.65
C ILE B 10 -15.62 -0.29 26.22
N LYS B 11 -15.38 -0.68 24.96
CA LYS B 11 -15.83 -2.00 24.48
C LYS B 11 -14.79 -3.08 24.75
N SER B 12 -13.51 -2.80 24.56
CA SER B 12 -12.49 -3.79 24.88
C SER B 12 -11.21 -3.05 25.26
N VAL B 13 -10.34 -3.75 26.02
CA VAL B 13 -9.13 -3.10 26.53
C VAL B 13 -7.89 -3.73 25.91
N GLU B 14 -6.78 -2.98 25.96
CA GLU B 14 -5.47 -3.44 25.57
C GLU B 14 -4.66 -3.63 26.84
N THR B 15 -4.13 -4.84 27.05
CA THR B 15 -3.31 -5.20 28.20
CA THR B 15 -3.37 -5.09 28.27
C THR B 15 -2.01 -4.41 28.20
N VAL B 16 -1.56 -3.97 29.38
CA VAL B 16 -0.24 -3.33 29.55
C VAL B 16 0.47 -3.96 30.76
N SER B 17 1.79 -3.84 30.62
N SER B 17 1.77 -3.73 30.97
CA SER B 17 2.84 -3.86 31.64
CA SER B 17 2.37 -4.60 32.02
C SER B 17 2.79 -2.55 32.44
C SER B 17 2.48 -4.03 33.48
N MET B 18 2.39 -2.72 33.67
CA MET B 18 2.60 -1.87 34.87
CA MET B 18 2.56 -1.95 34.90
C MET B 18 3.93 -2.17 35.57
N ILE B 19 5.01 -2.21 34.81
CA ILE B 19 6.30 -2.43 35.50
C ILE B 19 6.65 -1.20 36.33
N PRO B 20 7.28 -1.36 37.49
CA PRO B 20 7.56 -0.23 38.40
C PRO B 20 8.80 0.55 37.99
N ARG B 21 9.08 1.60 38.77
CA ARG B 21 10.07 2.60 38.37
C ARG B 21 11.45 1.97 38.17
N ASP B 22 11.89 1.16 39.13
CA ASP B 22 13.25 0.64 39.01
CA ASP B 22 13.22 0.56 39.06
C ASP B 22 13.40 -0.24 37.77
N GLU B 23 12.35 -0.97 37.37
CA GLU B 23 12.44 -1.74 36.14
C GLU B 23 12.35 -0.85 34.91
N ARG B 24 11.52 0.21 34.98
CA ARG B 24 11.51 1.16 33.87
C ARG B 24 12.89 1.76 33.62
N LEU B 25 13.63 2.06 34.69
CA LEU B 25 14.97 2.63 34.50
C LEU B 25 15.87 1.66 33.74
N LYS B 26 15.82 0.37 34.09
CA LYS B 26 16.59 -0.62 33.33
C LYS B 26 16.16 -0.66 31.86
N LYS B 27 14.86 -0.59 31.57
CA LYS B 27 14.46 -0.59 30.16
C LYS B 27 14.96 0.68 29.45
N MET B 28 14.93 1.83 30.14
CA MET B 28 15.38 3.07 29.51
C MET B 28 16.87 3.00 29.20
N GLN B 29 17.64 2.40 30.11
CA GLN B 29 19.06 2.23 29.88
C GLN B 29 19.32 1.24 28.74
N GLU B 30 18.53 0.16 28.67
CA GLU B 30 18.70 -0.78 27.57
C GLU B 30 18.35 -0.12 26.23
N ALA B 31 17.45 0.86 26.25
CA ALA B 31 17.14 1.68 25.08
C ALA B 31 18.12 2.84 24.86
N GLY B 32 19.24 2.89 25.58
CA GLY B 32 20.19 3.99 25.42
C GLY B 32 19.60 5.34 25.68
N TYR B 33 18.58 5.43 26.55
CA TYR B 33 17.96 6.69 26.93
C TYR B 33 17.28 7.35 25.73
N ASN B 34 16.92 6.55 24.75
CA ASN B 34 16.23 7.03 23.55
C ASN B 34 14.84 6.40 23.56
N THR B 35 13.80 7.22 23.81
CA THR B 35 12.46 6.61 23.86
C THR B 35 12.04 5.96 22.56
N PHE B 36 12.64 6.34 21.41
CA PHE B 36 12.29 5.67 20.15
C PHE B 36 12.73 4.20 20.15
N LEU B 37 13.68 3.85 21.02
CA LEU B 37 14.16 2.47 21.11
C LEU B 37 13.42 1.62 22.15
N LEU B 38 12.47 2.18 22.90
CA LEU B 38 11.73 1.37 23.87
C LEU B 38 10.85 0.36 23.16
N ASN B 39 10.61 -0.77 23.82
CA ASN B 39 9.64 -1.77 23.32
C ASN B 39 8.24 -1.36 23.76
N SER B 40 7.29 -1.47 22.83
CA SER B 40 5.90 -1.13 23.13
C SER B 40 5.39 -1.92 24.34
N LYS B 41 5.83 -3.16 24.51
CA LYS B 41 5.34 -3.99 25.60
C LYS B 41 5.80 -3.48 26.97
N ASP B 42 6.77 -2.56 27.01
CA ASP B 42 7.29 -2.03 28.27
C ASP B 42 6.71 -0.66 28.62
N ILE B 43 5.70 -0.21 27.90
CA ILE B 43 5.22 1.15 27.98
C ILE B 43 3.77 1.12 28.47
N TYR B 44 3.48 1.93 29.49
CA TYR B 44 2.12 2.03 30.03
C TYR B 44 1.27 2.95 29.17
N ILE B 45 1.75 4.15 28.93
CA ILE B 45 0.99 5.16 28.20
C ILE B 45 1.91 5.64 27.08
N ASP B 46 1.52 5.40 25.83
CA ASP B 46 2.43 5.61 24.69
C ASP B 46 1.97 6.87 23.95
N LEU B 47 2.69 7.97 24.17
CA LEU B 47 2.35 9.25 23.56
C LEU B 47 3.38 9.64 22.49
N LEU B 48 4.04 8.64 21.89
CA LEU B 48 4.99 8.90 20.81
C LEU B 48 4.30 9.62 19.67
N THR B 49 3.08 9.20 19.32
CA THR B 49 2.42 9.84 18.17
C THR B 49 0.92 9.60 18.23
N ASP B 50 0.17 10.51 17.61
CA ASP B 50 -1.25 10.26 17.36
C ASP B 50 -1.51 9.62 15.98
N SER B 51 -0.46 9.22 15.26
CA SER B 51 -0.64 8.62 13.94
C SER B 51 -0.84 7.10 14.03
N GLY B 52 -2.03 6.63 13.67
CA GLY B 52 -2.22 5.19 13.46
C GLY B 52 -2.42 4.45 14.76
N THR B 53 -2.48 5.20 15.87
CA THR B 53 -2.56 4.62 17.22
C THR B 53 -3.96 4.72 17.81
N ASN B 54 -4.94 5.09 17.00
CA ASN B 54 -6.29 5.35 17.52
C ASN B 54 -7.02 4.06 17.88
N ALA B 55 -7.98 4.19 18.79
CA ALA B 55 -8.90 3.08 19.09
C ALA B 55 -10.11 3.17 18.16
N MET B 56 -10.45 2.04 17.52
CA MET B 56 -11.60 1.96 16.65
C MET B 56 -12.84 1.62 17.44
N SER B 57 -14.01 1.83 16.84
CA SER B 57 -15.25 1.51 17.50
C SER B 57 -15.68 0.07 17.18
N ASP B 58 -16.75 -0.34 17.88
CA ASP B 58 -17.40 -1.61 17.56
C ASP B 58 -17.92 -1.62 16.13
N LYS B 59 -18.39 -0.47 15.64
CA LYS B 59 -18.87 -0.44 14.26
C LYS B 59 -17.73 -0.61 13.27
N GLN B 60 -16.59 0.03 13.54
CA GLN B 60 -15.43 -0.18 12.67
C GLN B 60 -15.00 -1.64 12.69
N TRP B 61 -14.92 -2.25 13.89
CA TRP B 61 -14.53 -3.65 13.98
C TRP B 61 -15.55 -4.58 13.29
N ALA B 62 -16.84 -4.23 13.30
CA ALA B 62 -17.78 -4.97 12.49
C ALA B 62 -17.40 -4.84 11.01
N GLY B 63 -17.00 -3.63 10.59
CA GLY B 63 -16.56 -3.45 9.21
C GLY B 63 -15.32 -4.25 8.87
N MET B 64 -14.44 -4.46 9.86
CA MET B 64 -13.22 -5.24 9.70
C MET B 64 -13.53 -6.70 9.42
N MET B 65 -14.72 -7.17 9.78
CA MET B 65 -15.10 -8.55 9.48
C MET B 65 -15.77 -8.64 8.13
N MET B 66 -16.02 -7.51 7.46
N MET B 66 -16.00 -7.49 7.47
CA MET B 66 -16.67 -7.55 6.15
CA MET B 66 -16.69 -7.40 6.19
C MET B 66 -15.74 -6.98 5.08
C MET B 66 -15.75 -7.01 5.05
N GLY B 67 -14.46 -7.28 5.20
CA GLY B 67 -13.51 -6.91 4.17
C GLY B 67 -13.80 -7.73 2.91
N ASP B 68 -14.09 -7.04 1.80
CA ASP B 68 -14.23 -7.60 0.46
C ASP B 68 -12.85 -7.43 -0.17
N GLU B 69 -12.07 -8.50 -0.20
CA GLU B 69 -10.65 -8.35 -0.50
C GLU B 69 -10.36 -8.42 -1.99
N ALA B 70 -11.37 -8.25 -2.84
CA ALA B 70 -11.14 -8.30 -4.27
C ALA B 70 -10.11 -7.28 -4.70
N TYR B 71 -9.36 -7.64 -5.76
CA TYR B 71 -8.30 -6.79 -6.26
C TYR B 71 -8.86 -5.53 -6.95
N ALA B 72 -10.05 -5.64 -7.53
CA ALA B 72 -10.67 -4.53 -8.22
C ALA B 72 -12.15 -4.52 -7.87
N GLY B 73 -12.72 -3.33 -7.68
CA GLY B 73 -14.16 -3.30 -7.54
C GLY B 73 -14.67 -3.69 -6.17
N SER B 74 -13.84 -3.62 -5.14
CA SER B 74 -14.30 -4.01 -3.81
C SER B 74 -15.45 -3.12 -3.33
N GLU B 75 -16.48 -3.73 -2.72
CA GLU B 75 -17.54 -2.95 -2.08
C GLU B 75 -16.99 -1.96 -1.07
N ASN B 76 -15.86 -2.28 -0.45
CA ASN B 76 -15.34 -1.40 0.56
C ASN B 76 -14.79 -0.14 -0.07
N PHE B 77 -14.24 -0.24 -1.29
CA PHE B 77 -13.82 0.97 -1.99
C PHE B 77 -15.01 1.85 -2.31
N TYR B 78 -16.10 1.25 -2.79
CA TYR B 78 -17.24 2.10 -3.11
C TYR B 78 -17.80 2.76 -1.87
N HIS B 79 -17.75 2.07 -0.73
CA HIS B 79 -18.19 2.72 0.51
CA HIS B 79 -18.18 2.70 0.53
C HIS B 79 -17.29 3.91 0.87
N LEU B 80 -15.97 3.70 0.83
CA LEU B 80 -15.04 4.79 1.10
C LEU B 80 -15.26 5.93 0.12
N GLU B 81 -15.42 5.60 -1.15
CA GLU B 81 -15.57 6.62 -2.18
C GLU B 81 -16.77 7.50 -1.92
N ARG B 82 -17.94 6.90 -1.68
CA ARG B 82 -19.10 7.76 -1.52
C ARG B 82 -19.07 8.52 -0.19
N THR B 83 -18.41 7.96 0.83
CA THR B 83 -18.27 8.66 2.09
C THR B 83 -17.43 9.92 1.93
N VAL B 84 -16.27 9.80 1.25
CA VAL B 84 -15.41 10.97 1.11
C VAL B 84 -16.08 11.98 0.18
N GLN B 85 -16.79 11.50 -0.85
CA GLN B 85 -17.47 12.43 -1.73
C GLN B 85 -18.55 13.18 -0.99
N GLU B 86 -19.26 12.48 -0.10
CA GLU B 86 -20.31 13.15 0.68
C GLU B 86 -19.71 14.13 1.68
N LEU B 87 -18.70 13.71 2.44
CA LEU B 87 -18.25 14.52 3.57
C LEU B 87 -17.24 15.59 3.16
N PHE B 88 -16.38 15.33 2.18
CA PHE B 88 -15.41 16.33 1.75
C PHE B 88 -15.87 17.08 0.53
N GLY B 89 -16.69 16.47 -0.31
CA GLY B 89 -17.24 17.16 -1.45
C GLY B 89 -16.38 17.18 -2.69
N PHE B 90 -15.27 16.46 -2.71
CA PHE B 90 -14.47 16.38 -3.92
C PHE B 90 -15.08 15.39 -4.90
N LYS B 91 -14.81 15.61 -6.20
CA LYS B 91 -15.38 14.76 -7.23
C LYS B 91 -14.75 13.36 -7.24
N HIS B 92 -13.42 13.26 -7.11
CA HIS B 92 -12.70 12.01 -7.31
C HIS B 92 -11.84 11.69 -6.10
N ILE B 93 -11.68 10.39 -5.83
CA ILE B 93 -10.86 9.97 -4.71
C ILE B 93 -10.04 8.75 -5.11
N VAL B 94 -8.76 8.74 -4.73
CA VAL B 94 -7.86 7.61 -4.92
C VAL B 94 -7.34 7.19 -3.55
N PRO B 95 -7.55 5.94 -3.13
CA PRO B 95 -7.01 5.49 -1.84
C PRO B 95 -5.51 5.33 -1.89
N THR B 96 -4.85 5.54 -0.75
CA THR B 96 -3.42 5.28 -0.64
C THR B 96 -3.18 4.62 0.71
N HIS B 97 -2.00 4.01 0.89
CA HIS B 97 -1.86 3.23 2.14
C HIS B 97 -1.77 4.15 3.36
N GLN B 98 -1.22 5.37 3.21
CA GLN B 98 -1.36 6.41 4.23
C GLN B 98 -1.04 7.74 3.54
N GLY B 99 -0.84 8.79 4.35
CA GLY B 99 -0.79 10.14 3.77
C GLY B 99 0.37 10.37 2.82
N ARG B 100 1.56 9.89 3.19
CA ARG B 100 2.71 10.19 2.33
C ARG B 100 2.61 9.47 0.98
N GLY B 101 1.81 8.40 0.88
CA GLY B 101 1.56 7.84 -0.45
C GLY B 101 0.79 8.80 -1.33
N ALA B 102 -0.20 9.49 -0.75
CA ALA B 102 -0.95 10.48 -1.51
C ALA B 102 -0.08 11.68 -1.87
N GLU B 103 0.83 12.07 -0.96
CA GLU B 103 1.73 13.20 -1.27
C GLU B 103 2.65 12.86 -2.43
N ASN B 104 3.21 11.65 -2.43
CA ASN B 104 4.01 11.19 -3.56
C ASN B 104 3.28 11.42 -4.88
N LEU B 105 2.03 10.93 -4.96
CA LEU B 105 1.24 11.07 -6.19
C LEU B 105 1.00 12.53 -6.51
N LEU B 106 0.54 13.32 -5.53
CA LEU B 106 0.21 14.71 -5.85
C LEU B 106 1.43 15.47 -6.33
N SER B 107 2.58 15.25 -5.71
CA SER B 107 3.72 16.06 -6.11
C SER B 107 4.24 15.67 -7.48
N GLN B 108 4.06 14.42 -7.88
CA GLN B 108 4.42 14.03 -9.24
C GLN B 108 3.43 14.57 -10.27
N LEU B 109 2.15 14.65 -9.89
CA LEU B 109 1.13 15.12 -10.83
C LEU B 109 1.18 16.63 -11.03
N ALA B 110 1.48 17.38 -9.97
CA ALA B 110 1.17 18.81 -9.97
C ALA B 110 2.37 19.73 -10.04
N ILE B 111 3.59 19.22 -10.11
CA ILE B 111 4.79 20.06 -10.08
C ILE B 111 5.61 19.88 -11.35
N LYS B 112 5.94 21.00 -12.00
CA LYS B 112 7.01 21.07 -12.97
C LYS B 112 8.28 21.59 -12.31
N PRO B 113 9.43 21.00 -12.62
CA PRO B 113 10.68 21.44 -11.99
C PRO B 113 10.90 22.94 -12.16
N GLY B 114 11.37 23.58 -11.08
CA GLY B 114 11.60 25.00 -11.06
C GLY B 114 10.46 25.81 -10.47
N GLN B 115 9.29 25.19 -10.31
CA GLN B 115 8.13 25.89 -9.78
C GLN B 115 8.23 26.01 -8.27
N TYR B 116 7.39 26.86 -7.70
CA TYR B 116 7.29 27.02 -6.26
C TYR B 116 6.04 26.36 -5.70
N VAL B 117 6.18 25.78 -4.51
CA VAL B 117 5.04 25.40 -3.69
C VAL B 117 5.13 26.23 -2.41
N ALA B 118 4.03 26.88 -2.04
CA ALA B 118 4.00 27.77 -0.87
C ALA B 118 2.97 27.23 0.11
N GLY B 119 3.29 27.27 1.41
CA GLY B 119 2.40 26.66 2.39
C GLY B 119 2.51 27.34 3.74
N ASN B 120 1.58 26.98 4.65
CA ASN B 120 1.63 27.49 6.02
C ASN B 120 2.53 26.56 6.81
N MET B 121 3.83 26.89 6.80
CA MET B 121 4.86 25.96 7.29
C MET B 121 4.80 24.64 6.52
N TYR B 122 5.36 23.57 7.10
CA TYR B 122 5.45 22.32 6.34
C TYR B 122 5.52 21.13 7.27
N PHE B 123 5.36 19.95 6.67
CA PHE B 123 5.64 18.67 7.29
C PHE B 123 6.72 17.98 6.47
N THR B 124 7.54 17.17 7.16
CA THR B 124 8.74 16.60 6.53
C THR B 124 8.44 15.77 5.27
N THR B 125 7.50 14.82 5.32
CA THR B 125 7.26 14.02 4.11
C THR B 125 6.67 14.87 2.99
N THR B 126 5.78 15.79 3.35
CA THR B 126 5.09 16.61 2.37
C THR B 126 6.09 17.46 1.61
N ARG B 127 7.00 18.11 2.33
CA ARG B 127 7.98 18.98 1.70
C ARG B 127 9.01 18.16 0.93
N TYR B 128 9.41 17.00 1.45
CA TYR B 128 10.31 16.14 0.69
C TYR B 128 9.76 15.83 -0.70
N HIS B 129 8.49 15.41 -0.78
CA HIS B 129 7.95 15.03 -2.09
C HIS B 129 7.81 16.24 -3.00
N GLN B 130 7.60 17.42 -2.43
CA GLN B 130 7.58 18.63 -3.25
C GLN B 130 8.97 18.93 -3.81
N GLU B 131 10.00 18.86 -2.95
CA GLU B 131 11.35 19.18 -3.41
C GLU B 131 11.91 18.08 -4.30
N LYS B 132 11.62 16.81 -3.99
CA LYS B 132 12.07 15.71 -4.83
C LYS B 132 11.60 15.89 -6.27
N ASN B 133 10.45 16.50 -6.47
CA ASN B 133 9.90 16.67 -7.81
C ASN B 133 10.22 18.03 -8.42
N GLY B 134 11.15 18.79 -7.82
CA GLY B 134 11.66 20.00 -8.44
C GLY B 134 11.13 21.32 -7.89
N ALA B 135 10.27 21.30 -6.87
CA ALA B 135 9.69 22.53 -6.34
C ALA B 135 10.62 23.19 -5.33
N VAL B 136 10.52 24.51 -5.23
CA VAL B 136 11.14 25.26 -4.15
C VAL B 136 10.05 25.63 -3.15
N PHE B 137 10.26 25.28 -1.87
CA PHE B 137 9.26 25.55 -0.85
C PHE B 137 9.36 26.98 -0.33
N VAL B 138 8.20 27.60 -0.09
CA VAL B 138 8.12 28.97 0.43
C VAL B 138 7.15 28.94 1.60
N ASP B 139 7.60 29.38 2.77
CA ASP B 139 6.71 29.51 3.90
C ASP B 139 5.93 30.81 3.78
N ILE B 140 4.60 30.72 3.80
CA ILE B 140 3.78 31.92 3.78
C ILE B 140 2.86 32.01 4.99
N VAL B 141 3.13 31.20 6.03
CA VAL B 141 2.38 31.34 7.27
C VAL B 141 2.58 32.76 7.85
N ARG B 142 1.58 33.22 8.62
CA ARG B 142 1.67 34.48 9.34
C ARG B 142 2.84 34.44 10.32
N ASP B 143 3.50 35.59 10.53
CA ASP B 143 4.70 35.65 11.36
C ASP B 143 4.43 35.14 12.79
N GLU B 144 3.20 35.36 13.30
CA GLU B 144 2.85 34.95 14.66
C GLU B 144 3.05 33.46 14.91
N ALA B 145 2.88 32.64 13.87
CA ALA B 145 2.99 31.20 14.06
C ALA B 145 4.37 30.77 14.53
N HIS B 146 5.39 31.60 14.30
CA HIS B 146 6.76 31.30 14.70
C HIS B 146 7.07 31.73 16.14
N ASP B 147 6.13 32.38 16.81
CA ASP B 147 6.28 32.76 18.22
C ASP B 147 5.53 31.72 19.06
N ALA B 148 6.28 30.79 19.64
CA ALA B 148 5.67 29.65 20.31
C ALA B 148 5.07 29.98 21.66
N GLY B 149 5.20 31.22 22.12
CA GLY B 149 4.64 31.59 23.40
C GLY B 149 3.40 32.43 23.24
N LEU B 150 3.02 32.70 21.99
CA LEU B 150 2.00 33.70 21.72
C LEU B 150 0.63 33.03 21.67
N ASN B 151 -0.26 33.43 22.57
CA ASN B 151 -1.54 32.73 22.76
C ASN B 151 -2.62 33.49 21.99
N ILE B 152 -2.75 33.17 20.70
CA ILE B 152 -3.75 33.78 19.82
C ILE B 152 -4.43 32.71 18.98
N ALA B 153 -5.64 33.04 18.52
CA ALA B 153 -6.43 32.06 17.79
C ALA B 153 -6.00 31.98 16.33
N PHE B 154 -6.28 30.81 15.73
CA PHE B 154 -6.06 30.54 14.31
C PHE B 154 -4.66 30.92 13.87
N LYS B 155 -3.70 30.39 14.62
CA LYS B 155 -2.29 30.72 14.45
C LYS B 155 -1.71 30.10 13.19
N GLY B 156 -2.43 29.17 12.58
CA GLY B 156 -2.00 28.47 11.38
C GLY B 156 -2.28 29.23 10.09
N ASP B 157 -2.99 30.35 10.19
CA ASP B 157 -3.43 31.10 9.02
C ASP B 157 -2.27 31.55 8.14
N ILE B 158 -2.50 31.52 6.84
CA ILE B 158 -1.57 32.04 5.85
C ILE B 158 -1.65 33.55 5.84
N ASP B 159 -0.49 34.21 5.80
CA ASP B 159 -0.41 35.65 5.56
C ASP B 159 -0.70 35.92 4.07
N LEU B 160 -1.87 36.51 3.79
CA LEU B 160 -2.24 36.78 2.41
C LEU B 160 -1.26 37.73 1.73
N LYS B 161 -0.61 38.62 2.48
CA LYS B 161 0.35 39.54 1.89
C LYS B 161 1.60 38.80 1.41
N LYS B 162 2.04 37.77 2.13
CA LYS B 162 3.16 36.95 1.68
C LYS B 162 2.82 36.18 0.41
N LEU B 163 1.60 35.61 0.35
CA LEU B 163 1.14 34.96 -0.87
C LEU B 163 1.15 35.92 -2.06
N GLN B 164 0.61 37.13 -1.85
CA GLN B 164 0.59 38.13 -2.90
C GLN B 164 2.01 38.48 -3.34
N LYS B 165 2.93 38.59 -2.38
CA LYS B 165 4.30 38.95 -2.73
C LYS B 165 4.93 37.86 -3.59
N LEU B 166 4.75 36.60 -3.22
CA LEU B 166 5.28 35.51 -4.03
C LEU B 166 4.75 35.59 -5.46
N ILE B 167 3.44 35.78 -5.63
CA ILE B 167 2.85 35.88 -6.96
C ILE B 167 3.49 37.02 -7.74
N ASP B 168 3.71 38.17 -7.10
CA ASP B 168 4.27 39.32 -7.82
C ASP B 168 5.71 39.07 -8.23
N GLU B 169 6.48 38.41 -7.38
CA GLU B 169 7.91 38.27 -7.62
C GLU B 169 8.26 37.08 -8.51
N LYS B 170 7.50 35.99 -8.42
CA LYS B 170 7.81 34.81 -9.21
C LYS B 170 6.88 34.60 -10.40
N GLY B 171 5.65 35.13 -10.35
CA GLY B 171 4.69 34.94 -11.42
C GLY B 171 3.79 33.74 -11.17
N ALA B 172 2.50 33.87 -11.47
CA ALA B 172 1.54 32.80 -11.16
C ALA B 172 1.87 31.51 -11.90
N GLU B 173 2.30 31.61 -13.17
CA GLU B 173 2.55 30.41 -13.96
C GLU B 173 3.68 29.57 -13.36
N ASN B 174 4.49 30.14 -12.47
CA ASN B 174 5.62 29.47 -11.86
C ASN B 174 5.34 28.94 -10.46
N ILE B 175 4.11 29.04 -10.00
CA ILE B 175 3.70 28.47 -8.72
C ILE B 175 2.89 27.21 -9.00
N ALA B 176 3.42 26.05 -8.60
CA ALA B 176 2.72 24.79 -8.85
C ALA B 176 1.39 24.75 -8.10
N TYR B 177 1.42 24.98 -6.78
CA TYR B 177 0.20 25.09 -6.00
C TYR B 177 0.48 25.67 -4.62
N ILE B 178 -0.60 25.98 -3.91
CA ILE B 178 -0.54 26.37 -2.50
C ILE B 178 -0.87 25.14 -1.68
N CYS B 179 -0.02 24.82 -0.70
CA CYS B 179 -0.25 23.65 0.16
C CYS B 179 -0.73 24.17 1.51
N LEU B 180 -2.05 24.12 1.75
CA LEU B 180 -2.64 24.63 2.99
C LEU B 180 -2.89 23.45 3.92
N ALA B 181 -2.18 23.43 5.05
CA ALA B 181 -2.33 22.34 6.01
C ALA B 181 -3.35 22.69 7.09
N VAL B 182 -4.15 21.70 7.49
CA VAL B 182 -5.06 21.87 8.62
C VAL B 182 -4.98 20.62 9.48
N THR B 183 -4.64 20.76 10.77
CA THR B 183 -3.99 21.89 11.43
C THR B 183 -2.51 22.01 11.05
N VAL B 184 -1.81 22.98 11.63
CA VAL B 184 -0.40 23.23 11.33
C VAL B 184 0.49 22.60 12.41
N ASN B 185 1.15 21.51 12.02
CA ASN B 185 1.91 20.65 12.92
C ASN B 185 3.09 21.40 13.52
N LEU B 186 3.89 22.04 12.70
CA LEU B 186 5.14 22.60 13.17
C LEU B 186 4.93 23.69 14.22
N ALA B 187 3.79 24.39 14.18
CA ALA B 187 3.42 25.40 15.16
C ALA B 187 2.74 24.81 16.40
N GLY B 188 2.69 23.49 16.51
CA GLY B 188 2.13 22.83 17.68
C GLY B 188 0.72 22.31 17.50
N GLY B 189 0.25 22.19 16.25
CA GLY B 189 -1.12 21.76 15.93
C GLY B 189 -2.11 22.92 15.87
N GLN B 190 -1.75 24.03 15.17
CA GLN B 190 -2.60 25.22 15.25
C GLN B 190 -3.62 25.24 14.10
N PRO B 191 -4.83 25.70 14.38
CA PRO B 191 -5.87 25.69 13.35
C PRO B 191 -5.79 26.87 12.39
N VAL B 192 -6.48 26.70 11.26
CA VAL B 192 -6.67 27.72 10.22
C VAL B 192 -8.15 28.12 10.21
N SER B 193 -8.43 29.41 10.05
CA SER B 193 -9.79 29.88 10.06
C SER B 193 -10.46 29.66 8.69
N MET B 194 -11.79 29.53 8.72
CA MET B 194 -12.53 29.49 7.47
C MET B 194 -12.29 30.79 6.68
N ALA B 195 -12.25 31.93 7.38
CA ALA B 195 -12.03 33.20 6.69
C ALA B 195 -10.73 33.16 5.92
N ASN B 196 -9.70 32.52 6.50
CA ASN B 196 -8.43 32.44 5.80
C ASN B 196 -8.51 31.50 4.59
N MET B 197 -9.19 30.35 4.73
CA MET B 197 -9.31 29.44 3.60
C MET B 197 -10.05 30.10 2.45
N ARG B 198 -11.06 30.92 2.76
CA ARG B 198 -11.79 31.57 1.68
C ARG B 198 -10.95 32.65 1.02
N ALA B 199 -10.15 33.38 1.80
CA ALA B 199 -9.35 34.45 1.19
C ALA B 199 -8.26 33.86 0.30
N VAL B 200 -7.69 32.73 0.73
CA VAL B 200 -6.66 32.10 -0.09
C VAL B 200 -7.27 31.56 -1.38
N ARG B 201 -8.46 30.93 -1.30
CA ARG B 201 -9.11 30.44 -2.51
C ARG B 201 -9.42 31.57 -3.47
N GLU B 202 -9.81 32.73 -2.95
N GLU B 202 -9.84 32.72 -2.92
CA GLU B 202 -10.22 33.81 -3.84
CA GLU B 202 -10.21 33.87 -3.74
C GLU B 202 -9.02 34.48 -4.50
C GLU B 202 -9.01 34.40 -4.49
N LEU B 203 -7.90 34.62 -3.78
CA LEU B 203 -6.70 35.16 -4.39
C LEU B 203 -6.12 34.21 -5.42
N THR B 204 -5.99 32.91 -5.06
CA THR B 204 -5.40 31.98 -6.00
C THR B 204 -6.27 31.83 -7.24
N ALA B 205 -7.59 31.77 -7.05
CA ALA B 205 -8.49 31.56 -8.18
C ALA B 205 -8.37 32.69 -9.20
N ALA B 206 -8.12 33.91 -8.73
CA ALA B 206 -7.95 35.05 -9.64
C ALA B 206 -6.70 34.91 -10.51
N HIS B 207 -5.72 34.09 -10.10
CA HIS B 207 -4.51 33.89 -10.87
C HIS B 207 -4.44 32.50 -11.48
N GLY B 208 -5.48 31.69 -11.38
CA GLY B 208 -5.42 30.35 -11.91
C GLY B 208 -4.51 29.42 -11.14
N ILE B 209 -4.24 29.71 -9.87
CA ILE B 209 -3.34 28.90 -9.05
C ILE B 209 -4.13 27.85 -8.28
N LYS B 210 -3.63 26.62 -8.25
CA LYS B 210 -4.28 25.53 -7.54
C LYS B 210 -3.98 25.59 -6.05
N VAL B 211 -4.91 25.05 -5.24
CA VAL B 211 -4.71 24.89 -3.80
C VAL B 211 -5.05 23.45 -3.45
N PHE B 212 -4.13 22.78 -2.78
CA PHE B 212 -4.41 21.44 -2.28
C PHE B 212 -4.20 21.46 -0.77
N TYR B 213 -5.12 20.83 -0.03
CA TYR B 213 -5.00 20.81 1.43
C TYR B 213 -4.24 19.58 1.89
N ASP B 214 -3.36 19.77 2.86
CA ASP B 214 -2.82 18.65 3.65
C ASP B 214 -3.77 18.53 4.83
N ALA B 215 -4.72 17.60 4.73
CA ALA B 215 -5.95 17.60 5.51
C ALA B 215 -5.90 16.67 6.70
N THR B 216 -4.71 16.31 7.16
CA THR B 216 -4.58 15.18 8.06
CA THR B 216 -4.62 15.16 8.06
C THR B 216 -5.34 15.40 9.38
N ARG B 217 -5.36 16.62 9.89
CA ARG B 217 -6.13 16.88 11.10
C ARG B 217 -7.23 17.91 10.82
N CYS B 218 -7.96 17.72 9.71
CA CYS B 218 -8.99 18.66 9.32
C CYS B 218 -10.19 18.63 10.26
N VAL B 219 -10.40 17.53 10.99
CA VAL B 219 -11.55 17.49 11.90
C VAL B 219 -11.26 18.27 13.18
N GLU B 220 -10.06 18.07 13.77
CA GLU B 220 -9.62 18.95 14.85
C GLU B 220 -9.72 20.42 14.43
N ASN B 221 -9.31 20.71 13.20
CA ASN B 221 -9.41 22.06 12.67
C ASN B 221 -10.84 22.56 12.68
N ALA B 222 -11.77 21.72 12.19
CA ALA B 222 -13.16 22.12 12.13
C ALA B 222 -13.73 22.39 13.52
N TYR B 223 -13.30 21.63 14.53
CA TYR B 223 -13.76 21.89 15.89
C TYR B 223 -13.27 23.27 16.37
N PHE B 224 -12.04 23.64 16.05
CA PHE B 224 -11.61 24.97 16.44
C PHE B 224 -12.44 26.04 15.77
N ILE B 225 -12.80 25.83 14.50
CA ILE B 225 -13.65 26.82 13.83
C ILE B 225 -15.00 26.88 14.54
N LYS B 226 -15.56 25.71 14.89
CA LYS B 226 -16.87 25.72 15.54
C LYS B 226 -16.80 26.42 16.89
N GLU B 227 -15.70 26.21 17.62
CA GLU B 227 -15.58 26.77 18.97
C GLU B 227 -15.26 28.25 18.92
N GLN B 228 -14.43 28.69 17.97
CA GLN B 228 -13.83 30.02 18.10
C GLN B 228 -14.06 31.00 16.96
N GLU B 229 -14.52 30.57 15.78
CA GLU B 229 -14.74 31.53 14.70
C GLU B 229 -16.18 32.02 14.75
N GLN B 230 -16.36 33.34 14.84
CA GLN B 230 -17.70 33.91 14.93
C GLN B 230 -18.53 33.52 13.70
N GLY B 231 -19.77 33.10 13.95
CA GLY B 231 -20.68 32.71 12.89
C GLY B 231 -20.81 31.22 12.65
N PHE B 232 -19.99 30.39 13.29
CA PHE B 232 -20.04 28.95 13.05
C PHE B 232 -20.64 28.18 14.21
N GLU B 233 -21.24 28.88 15.18
CA GLU B 233 -21.77 28.20 16.36
C GLU B 233 -23.00 27.34 16.06
N ASN B 234 -23.69 27.59 14.95
CA ASN B 234 -24.88 26.82 14.56
C ASN B 234 -24.59 25.82 13.44
N LYS B 235 -23.33 25.65 13.07
CA LYS B 235 -22.94 24.76 11.99
C LYS B 235 -22.46 23.45 12.60
N SER B 236 -22.77 22.34 11.93
CA SER B 236 -22.28 21.06 12.40
C SER B 236 -20.82 20.90 11.97
N ILE B 237 -20.12 19.98 12.63
CA ILE B 237 -18.75 19.67 12.22
C ILE B 237 -18.73 19.28 10.76
N ALA B 238 -19.72 18.45 10.33
CA ALA B 238 -19.78 18.03 8.93
C ALA B 238 -19.97 19.22 8.00
N GLU B 239 -20.83 20.17 8.38
CA GLU B 239 -21.03 21.35 7.54
C GLU B 239 -19.76 22.17 7.42
N ILE B 240 -18.98 22.24 8.50
CA ILE B 240 -17.76 23.03 8.49
C ILE B 240 -16.70 22.34 7.63
N VAL B 241 -16.55 21.03 7.82
CA VAL B 241 -15.61 20.24 7.01
C VAL B 241 -15.93 20.38 5.52
N HIS B 242 -17.22 20.24 5.17
CA HIS B 242 -17.59 20.34 3.76
C HIS B 242 -17.26 21.72 3.20
N GLU B 243 -17.50 22.79 3.98
CA GLU B 243 -17.18 24.12 3.48
C GLU B 243 -15.67 24.33 3.38
N MET B 244 -14.90 23.90 4.39
CA MET B 244 -13.44 23.97 4.30
C MET B 244 -12.95 23.47 2.95
N PHE B 245 -13.29 22.23 2.58
CA PHE B 245 -12.78 21.65 1.35
C PHE B 245 -13.39 22.27 0.09
N SER B 246 -14.47 23.05 0.22
CA SER B 246 -14.99 23.74 -0.95
C SER B 246 -14.02 24.79 -1.48
N TYR B 247 -12.99 25.13 -0.71
CA TYR B 247 -12.01 26.12 -1.09
C TYR B 247 -10.71 25.50 -1.61
N ALA B 248 -10.69 24.18 -1.79
CA ALA B 248 -9.52 23.51 -2.33
C ALA B 248 -9.87 22.86 -3.67
N ASP B 249 -8.83 22.58 -4.46
CA ASP B 249 -8.94 21.77 -5.65
C ASP B 249 -8.73 20.29 -5.37
N GLY B 250 -8.29 19.93 -4.16
CA GLY B 250 -8.04 18.54 -3.81
C GLY B 250 -7.36 18.51 -2.46
N CYS B 251 -6.99 17.30 -2.04
CA CYS B 251 -6.31 17.20 -0.76
C CYS B 251 -5.52 15.91 -0.70
N THR B 252 -4.57 15.85 0.25
CA THR B 252 -3.98 14.59 0.68
C THR B 252 -4.40 14.37 2.13
N MET B 253 -4.76 13.14 2.46
CA MET B 253 -5.32 12.86 3.77
C MET B 253 -4.63 11.62 4.35
N SER B 254 -4.27 11.72 5.63
CA SER B 254 -3.80 10.58 6.39
C SER B 254 -4.98 10.15 7.25
N GLY B 255 -5.61 9.02 6.90
CA GLY B 255 -6.65 8.50 7.76
C GLY B 255 -6.15 8.11 9.12
N LYS B 256 -4.85 7.81 9.23
CA LYS B 256 -4.19 7.46 10.47
C LYS B 256 -4.33 8.51 11.59
N1 LLP B 257 1.20 15.92 6.89
C2 LLP B 257 0.93 16.12 8.17
C2' LLP B 257 0.63 17.58 8.68
C3 LLP B 257 0.96 15.02 9.05
O3 LLP B 257 0.69 15.19 10.42
C4 LLP B 257 1.25 13.73 8.59
C4' LLP B 257 1.22 12.56 9.67
C5 LLP B 257 1.52 13.53 7.26
C6 LLP B 257 1.50 14.63 6.40
C5' LLP B 257 1.86 12.12 6.66
OP4 LLP B 257 0.81 11.21 6.83
P LLP B 257 1.23 9.73 6.96
OP1 LLP B 257 2.05 9.52 8.24
OP2 LLP B 257 -0.10 9.00 6.97
OP3 LLP B 257 2.13 9.34 5.80
N LLP B 257 -4.70 9.72 11.19
CA LLP B 257 -4.95 10.81 12.17
CB LLP B 257 -4.32 12.13 11.72
CG LLP B 257 -2.82 12.08 12.14
CD LLP B 257 -1.95 11.30 11.13
CE LLP B 257 -0.41 11.63 11.27
NZ LLP B 257 0.02 12.78 10.47
C LLP B 257 -6.43 10.92 12.34
O LLP B 257 -7.02 10.09 12.99
N ASP B 258 -7.07 11.89 11.68
CA ASP B 258 -8.46 12.15 12.01
C ASP B 258 -9.54 11.17 11.49
N CYS B 259 -9.22 10.16 10.64
CA CYS B 259 -10.23 9.15 10.30
C CYS B 259 -10.24 8.01 11.30
N LEU B 260 -9.56 8.15 12.44
CA LEU B 260 -9.74 7.17 13.54
C LEU B 260 -9.37 5.73 13.14
N VAL B 261 -8.28 5.55 12.36
CA VAL B 261 -7.88 4.21 11.92
C VAL B 261 -6.40 4.04 12.21
N ASN B 262 -5.93 2.80 12.01
CA ASN B 262 -4.56 2.44 12.32
C ASN B 262 -3.67 2.45 11.09
N ILE B 263 -4.29 2.58 9.91
CA ILE B 263 -3.61 2.62 8.61
C ILE B 263 -4.61 3.20 7.61
N GLY B 264 -4.11 3.87 6.57
CA GLY B 264 -4.97 4.31 5.49
C GLY B 264 -4.82 5.79 5.19
N GLY B 265 -5.04 6.17 3.92
CA GLY B 265 -5.01 7.56 3.51
C GLY B 265 -5.72 7.65 2.17
N PHE B 266 -5.76 8.87 1.60
CA PHE B 266 -6.27 8.96 0.23
C PHE B 266 -5.93 10.33 -0.38
N LEU B 267 -6.11 10.39 -1.70
CA LEU B 267 -5.92 11.60 -2.49
C LEU B 267 -7.26 12.00 -3.09
N CYS B 268 -7.63 13.29 -2.97
CA CYS B 268 -8.84 13.78 -3.61
C CYS B 268 -8.48 14.88 -4.59
N MET B 269 -9.33 15.02 -5.61
CA MET B 269 -9.18 16.14 -6.53
C MET B 269 -10.48 16.31 -7.29
N ASN B 270 -10.67 17.50 -7.87
CA ASN B 270 -11.85 17.76 -8.66
C ASN B 270 -11.63 17.61 -10.16
N ASP B 271 -10.38 17.78 -10.63
CA ASP B 271 -10.09 17.81 -12.06
C ASP B 271 -10.13 16.41 -12.65
N ASP B 272 -10.89 16.23 -13.73
CA ASP B 272 -11.00 14.93 -14.40
C ASP B 272 -9.65 14.48 -14.95
N GLU B 273 -8.96 15.39 -15.66
CA GLU B 273 -7.67 15.05 -16.24
C GLU B 273 -6.67 14.62 -15.18
N MET B 274 -6.52 15.40 -14.11
CA MET B 274 -5.60 15.02 -13.06
C MET B 274 -6.02 13.70 -12.44
N PHE B 275 -7.33 13.48 -12.26
CA PHE B 275 -7.81 12.21 -11.73
C PHE B 275 -7.38 11.05 -12.62
N SER B 276 -7.57 11.22 -13.92
CA SER B 276 -7.08 10.21 -14.86
C SER B 276 -5.59 9.96 -14.69
N SER B 277 -4.80 11.04 -14.55
CA SER B 277 -3.35 10.89 -14.36
C SER B 277 -3.04 10.23 -13.02
N ALA B 278 -3.78 10.59 -11.97
CA ALA B 278 -3.56 9.94 -10.68
C ALA B 278 -3.79 8.43 -10.75
N LYS B 279 -4.80 8.01 -11.53
CA LYS B 279 -5.07 6.57 -11.64
C LYS B 279 -3.95 5.88 -12.40
N GLU B 280 -3.34 6.56 -13.39
CA GLU B 280 -2.19 5.98 -14.04
C GLU B 280 -1.00 5.85 -13.08
N LEU B 281 -0.88 6.72 -12.07
CA LEU B 281 0.30 6.68 -11.22
C LEU B 281 0.13 5.80 -9.98
N VAL B 282 -1.08 5.72 -9.44
CA VAL B 282 -1.26 4.99 -8.18
C VAL B 282 -0.85 3.53 -8.35
N VAL B 283 -1.03 2.97 -9.55
CA VAL B 283 -0.72 1.55 -9.73
C VAL B 283 0.78 1.32 -9.60
N VAL B 284 1.59 2.38 -9.79
CA VAL B 284 3.04 2.29 -9.75
C VAL B 284 3.55 2.08 -8.33
N TYR B 285 2.97 2.80 -7.37
CA TYR B 285 3.50 2.88 -6.02
C TYR B 285 2.64 2.22 -4.98
N GLU B 286 1.31 2.21 -5.16
CA GLU B 286 0.38 1.86 -4.09
C GLU B 286 -0.45 0.63 -4.42
N GLY B 287 -1.11 0.64 -5.58
CA GLY B 287 -2.06 -0.40 -5.95
C GLY B 287 -3.12 0.15 -6.89
N MET B 288 -4.21 -0.60 -7.05
N MET B 288 -4.23 -0.57 -6.98
CA MET B 288 -5.25 -0.23 -7.99
CA MET B 288 -5.29 -0.24 -7.90
C MET B 288 -6.00 1.01 -7.51
C MET B 288 -6.01 1.03 -7.48
N PRO B 289 -6.61 1.76 -8.43
CA PRO B 289 -7.45 2.90 -8.02
C PRO B 289 -8.55 2.48 -7.04
N SER B 290 -8.87 1.18 -6.96
CA SER B 290 -9.90 0.70 -6.03
C SER B 290 -9.33 -0.08 -4.84
N TYR B 291 -8.02 0.00 -4.54
CA TYR B 291 -7.61 -0.38 -3.19
C TYR B 291 -6.41 0.43 -2.73
N GLY B 292 -5.53 0.85 -3.65
CA GLY B 292 -4.48 1.80 -3.28
C GLY B 292 -3.59 1.37 -2.13
N GLY B 293 -3.23 0.09 -2.07
CA GLY B 293 -2.31 -0.30 -1.03
C GLY B 293 -2.96 -0.60 0.31
N LEU B 294 -4.30 -0.73 0.34
CA LEU B 294 -5.06 -1.04 1.54
C LEU B 294 -5.82 -2.36 1.37
N ALA B 295 -5.91 -3.14 2.43
CA ALA B 295 -6.85 -4.25 2.42
C ALA B 295 -8.28 -3.69 2.35
N GLY B 296 -9.21 -4.51 1.85
CA GLY B 296 -10.58 -4.03 1.75
C GLY B 296 -11.09 -3.64 3.13
N ARG B 297 -10.74 -4.42 4.15
CA ARG B 297 -11.30 -4.14 5.46
C ARG B 297 -10.84 -2.78 5.98
N ASP B 298 -9.69 -2.31 5.52
CA ASP B 298 -9.19 -1.03 5.99
C ASP B 298 -9.84 0.14 5.25
N MET B 299 -10.15 -0.02 3.96
CA MET B 299 -10.96 1.02 3.35
C MET B 299 -12.30 1.13 4.08
N GLU B 300 -12.87 -0.01 4.48
CA GLU B 300 -14.11 -0.03 5.24
C GLU B 300 -13.96 0.66 6.60
N ALA B 301 -12.92 0.30 7.37
CA ALA B 301 -12.75 0.94 8.67
C ALA B 301 -12.56 2.44 8.51
N MET B 302 -11.86 2.86 7.47
CA MET B 302 -11.60 4.29 7.28
C MET B 302 -12.87 5.05 6.84
N ALA B 303 -13.69 4.42 6.01
CA ALA B 303 -14.99 5.01 5.66
C ALA B 303 -15.87 5.18 6.88
N ILE B 304 -15.92 4.17 7.75
CA ILE B 304 -16.74 4.29 8.96
C ILE B 304 -16.16 5.32 9.91
N GLY B 305 -14.84 5.32 10.07
CA GLY B 305 -14.19 6.20 11.03
C GLY B 305 -14.30 7.66 10.64
N LEU B 306 -14.16 7.97 9.34
CA LEU B 306 -14.28 9.38 8.95
C LEU B 306 -15.66 9.89 9.32
N ARG B 307 -16.66 9.04 9.12
CA ARG B 307 -18.01 9.46 9.46
C ARG B 307 -18.18 9.61 10.97
N GLU B 308 -17.58 8.70 11.78
CA GLU B 308 -17.65 8.88 13.24
C GLU B 308 -16.99 10.17 13.70
N ALA B 309 -15.93 10.59 12.99
CA ALA B 309 -15.19 11.77 13.38
C ALA B 309 -16.04 13.02 13.26
N MET B 310 -17.13 12.96 12.49
CA MET B 310 -18.01 14.12 12.35
C MET B 310 -18.88 14.38 13.59
N GLN B 311 -18.95 13.45 14.53
CA GLN B 311 -19.81 13.67 15.69
C GLN B 311 -19.22 14.77 16.58
N TYR B 312 -20.06 15.75 16.93
CA TYR B 312 -19.55 16.91 17.66
C TYR B 312 -18.96 16.52 19.01
N GLU B 313 -19.66 15.65 19.77
CA GLU B 313 -19.19 15.31 21.11
C GLU B 313 -17.87 14.54 21.08
N TYR B 314 -17.67 13.72 20.05
CA TYR B 314 -16.40 13.01 19.93
C TYR B 314 -15.25 14.02 19.77
N ILE B 315 -15.37 14.94 18.83
CA ILE B 315 -14.19 15.78 18.54
C ILE B 315 -14.02 16.85 19.61
N GLU B 316 -15.12 17.32 20.20
CA GLU B 316 -15.03 18.22 21.35
C GLU B 316 -14.23 17.57 22.47
N HIS B 317 -14.57 16.34 22.82
CA HIS B 317 -13.85 15.63 23.88
C HIS B 317 -12.41 15.35 23.49
N ARG B 318 -12.15 14.99 22.22
CA ARG B 318 -10.79 14.73 21.75
C ARG B 318 -9.92 15.96 22.00
N VAL B 319 -10.34 17.12 21.47
CA VAL B 319 -9.58 18.34 21.63
C VAL B 319 -9.52 18.78 23.11
N LYS B 320 -10.63 18.64 23.85
CA LYS B 320 -10.57 19.14 25.23
C LYS B 320 -9.79 18.21 26.16
N GLN B 321 -9.59 16.94 25.80
CA GLN B 321 -8.73 16.08 26.61
C GLN B 321 -7.28 16.51 26.46
N VAL B 322 -6.86 16.86 25.24
CA VAL B 322 -5.53 17.43 25.05
C VAL B 322 -5.41 18.73 25.83
N ARG B 323 -6.44 19.58 25.75
CA ARG B 323 -6.42 20.86 26.47
C ARG B 323 -6.31 20.66 27.97
N TYR B 324 -6.97 19.62 28.50
CA TYR B 324 -6.90 19.30 29.91
C TYR B 324 -5.45 19.10 30.34
N LEU B 325 -4.72 18.32 29.55
CA LEU B 325 -3.31 18.10 29.81
C LEU B 325 -2.53 19.40 29.75
N GLY B 326 -2.74 20.20 28.71
CA GLY B 326 -2.03 21.46 28.62
C GLY B 326 -2.37 22.39 29.76
N ASP B 327 -3.65 22.45 30.12
CA ASP B 327 -4.10 23.38 31.15
C ASP B 327 -3.50 23.01 32.49
N LYS B 328 -3.45 21.71 32.80
CA LYS B 328 -2.93 21.27 34.09
C LYS B 328 -1.44 21.59 34.23
N LEU B 329 -0.68 21.35 33.16
CA LEU B 329 0.74 21.70 33.17
C LEU B 329 0.95 23.20 33.28
N LYS B 330 0.23 23.98 32.48
CA LYS B 330 0.37 25.43 32.55
CA LYS B 330 0.32 25.43 32.53
C LYS B 330 0.03 25.94 33.94
N ALA B 331 -0.95 25.35 34.62
CA ALA B 331 -1.31 25.82 35.96
C ALA B 331 -0.21 25.57 36.98
N ALA B 332 0.61 24.54 36.78
CA ALA B 332 1.77 24.28 37.63
C ALA B 332 3.02 25.05 37.21
N GLY B 333 2.95 25.85 36.16
CA GLY B 333 4.11 26.63 35.73
C GLY B 333 5.01 25.94 34.72
N VAL B 334 4.58 24.79 34.19
CA VAL B 334 5.42 24.02 33.26
C VAL B 334 5.38 24.69 31.90
N PRO B 335 6.53 24.95 31.26
CA PRO B 335 6.53 25.71 29.99
C PRO B 335 6.13 24.82 28.81
N ILE B 336 5.11 25.28 28.06
CA ILE B 336 4.58 24.54 26.91
C ILE B 336 4.42 25.53 25.76
N VAL B 337 4.39 24.98 24.54
CA VAL B 337 3.96 25.76 23.38
C VAL B 337 2.49 26.12 23.56
N GLU B 338 2.16 27.37 23.21
CA GLU B 338 0.81 27.90 23.35
C GLU B 338 0.31 28.50 22.04
N PRO B 339 -1.01 28.50 21.80
CA PRO B 339 -2.00 27.73 22.55
C PRO B 339 -1.80 26.22 22.32
N VAL B 340 -2.35 25.40 23.22
CA VAL B 340 -2.31 23.97 22.99
C VAL B 340 -3.04 23.66 21.69
N GLY B 341 -2.47 22.76 20.89
CA GLY B 341 -3.05 22.40 19.61
C GLY B 341 -4.08 21.28 19.72
N GLY B 342 -4.47 20.76 18.55
CA GLY B 342 -5.56 19.79 18.54
C GLY B 342 -5.18 18.40 19.03
N HIS B 343 -3.91 18.03 18.93
CA HIS B 343 -3.53 16.62 19.02
C HIS B 343 -2.39 16.36 19.99
N ALA B 344 -1.71 17.39 20.48
CA ALA B 344 -0.55 17.14 21.32
C ALA B 344 -0.29 18.37 22.19
N VAL B 345 0.45 18.15 23.27
CA VAL B 345 1.05 19.23 24.07
C VAL B 345 2.55 19.12 23.86
N PHE B 346 3.20 20.25 23.59
CA PHE B 346 4.64 20.30 23.40
C PHE B 346 5.27 20.98 24.63
N LEU B 347 6.08 20.23 25.38
CA LEU B 347 6.88 20.85 26.43
C LEU B 347 8.04 21.61 25.83
N ASP B 348 8.32 22.78 26.37
CA ASP B 348 9.50 23.57 25.97
C ASP B 348 10.66 23.12 26.84
N ALA B 349 11.45 22.18 26.31
CA ALA B 349 12.56 21.60 27.06
C ALA B 349 13.72 22.58 27.20
N ARG B 350 13.84 23.54 26.29
CA ARG B 350 14.85 24.58 26.48
CA ARG B 350 14.84 24.58 26.47
C ARG B 350 14.61 25.31 27.79
N ARG B 351 13.35 25.68 28.06
CA ARG B 351 13.07 26.39 29.31
C ARG B 351 12.96 25.42 30.48
N PHE B 352 12.37 24.24 30.26
CA PHE B 352 12.27 23.26 31.33
C PHE B 352 13.65 22.93 31.89
N CYS B 353 14.61 22.71 31.00
CA CYS B 353 15.99 22.40 31.40
C CYS B 353 16.94 23.54 31.04
N GLU B 354 16.73 24.71 31.63
CA GLU B 354 17.57 25.86 31.28
C GLU B 354 18.96 25.77 31.88
N HIS B 355 19.24 24.78 32.73
CA HIS B 355 20.60 24.51 33.19
C HIS B 355 21.41 23.70 32.18
N LEU B 356 20.79 23.24 31.09
CA LEU B 356 21.43 22.41 30.06
C LEU B 356 21.57 23.17 28.75
N THR B 357 22.70 22.98 28.06
CA THR B 357 22.79 23.54 26.72
C THR B 357 22.08 22.65 25.71
N GLN B 358 21.77 23.21 24.54
CA GLN B 358 21.09 22.38 23.54
C GLN B 358 21.98 21.23 23.09
N ASP B 359 23.30 21.42 23.14
CA ASP B 359 24.24 20.35 22.82
C ASP B 359 24.23 19.21 23.83
N GLU B 360 23.55 19.38 24.95
CA GLU B 360 23.38 18.32 25.94
C GLU B 360 22.03 17.64 25.81
N PHE B 361 21.26 17.95 24.75
CA PHE B 361 20.02 17.29 24.33
C PHE B 361 18.98 17.32 25.44
N PRO B 362 18.52 18.53 25.85
CA PRO B 362 17.56 18.57 26.97
C PRO B 362 16.24 17.91 26.63
N ALA B 363 15.75 18.04 25.39
CA ALA B 363 14.48 17.38 25.07
C ALA B 363 14.64 15.87 25.13
N GLN B 364 15.72 15.33 24.54
CA GLN B 364 15.95 13.90 24.60
C GLN B 364 16.02 13.41 26.06
N SER B 365 16.73 14.15 26.92
CA SER B 365 16.86 13.74 28.32
C SER B 365 15.54 13.85 29.08
N LEU B 366 14.82 14.94 28.87
CA LEU B 366 13.53 15.08 29.52
C LEU B 366 12.61 13.91 29.14
N ALA B 367 12.56 13.55 27.86
CA ALA B 367 11.69 12.44 27.49
C ALA B 367 12.11 11.15 28.21
N ALA B 368 13.41 10.91 28.36
CA ALA B 368 13.85 9.73 29.11
C ALA B 368 13.37 9.79 30.56
N SER B 369 13.53 10.95 31.22
CA SER B 369 13.07 11.10 32.61
C SER B 369 11.56 10.86 32.73
N ILE B 370 10.79 11.41 31.79
CA ILE B 370 9.35 11.21 31.83
C ILE B 370 9.01 9.71 31.83
N TYR B 371 9.67 8.94 30.95
CA TYR B 371 9.35 7.51 30.90
C TYR B 371 9.71 6.84 32.22
N VAL B 372 10.92 7.11 32.73
CA VAL B 372 11.33 6.47 34.00
C VAL B 372 10.35 6.81 35.13
N GLU B 373 9.92 8.07 35.23
CA GLU B 373 9.09 8.41 36.38
C GLU B 373 7.63 7.97 36.24
N THR B 374 7.13 7.70 35.03
CA THR B 374 5.68 7.48 34.83
C THR B 374 5.31 6.29 33.96
N GLY B 375 6.24 5.74 33.19
CA GLY B 375 5.84 4.76 32.19
C GLY B 375 5.21 5.37 30.95
N VAL B 376 5.36 6.69 30.77
CA VAL B 376 4.85 7.40 29.59
C VAL B 376 5.98 7.59 28.59
N ARG B 377 5.73 7.20 27.33
CA ARG B 377 6.64 7.49 26.23
C ARG B 377 6.21 8.75 25.51
N SER B 378 7.16 9.66 25.25
CA SER B 378 6.92 10.90 24.52
C SER B 378 7.98 11.01 23.43
N MET B 379 7.79 11.90 22.46
CA MET B 379 8.75 12.00 21.34
C MET B 379 9.68 13.21 21.50
N GLU B 380 10.98 12.98 21.33
CA GLU B 380 11.90 14.12 21.19
C GLU B 380 11.62 14.85 19.89
N ARG B 381 11.40 16.17 19.96
CA ARG B 381 11.24 17.00 18.76
C ARG B 381 12.14 18.23 18.96
N GLY B 382 13.44 18.00 18.85
CA GLY B 382 14.43 19.03 19.12
C GLY B 382 15.65 18.79 18.29
N ILE B 383 16.83 19.07 18.87
CA ILE B 383 18.06 19.02 18.10
C ILE B 383 18.33 17.61 17.56
N ILE B 384 17.96 16.56 18.30
CA ILE B 384 18.29 15.20 17.82
C ILE B 384 17.50 14.90 16.55
N SER B 385 16.18 15.10 16.59
CA SER B 385 15.35 14.89 15.41
C SER B 385 15.70 15.81 14.25
N ALA B 386 16.28 16.99 14.50
CA ALA B 386 16.67 17.86 13.40
C ALA B 386 17.82 17.27 12.58
N GLY B 387 18.60 16.38 13.17
CA GLY B 387 19.69 15.76 12.46
C GLY B 387 20.92 16.64 12.34
N ARG B 388 21.86 16.14 11.58
CA ARG B 388 23.18 16.73 11.43
C ARG B 388 23.38 17.12 9.98
N ASN B 389 24.00 18.28 9.76
CA ASN B 389 24.41 18.70 8.43
C ASN B 389 25.60 17.84 8.02
N ASN B 390 25.37 16.92 7.07
CA ASN B 390 26.44 15.99 6.71
C ASN B 390 27.51 16.61 5.85
N VAL B 391 27.25 17.79 5.27
CA VAL B 391 28.31 18.53 4.59
C VAL B 391 29.29 19.13 5.61
N THR B 392 28.76 19.80 6.64
CA THR B 392 29.58 20.48 7.63
C THR B 392 29.83 19.65 8.88
N GLY B 393 28.98 18.66 9.16
CA GLY B 393 29.14 17.89 10.37
C GLY B 393 28.47 18.50 11.60
N GLU B 394 27.96 19.72 11.50
CA GLU B 394 27.37 20.39 12.65
C GLU B 394 25.92 19.94 12.83
N HIS B 395 25.45 19.94 14.08
CA HIS B 395 24.03 19.74 14.32
C HIS B 395 23.20 20.77 13.54
N HIS B 396 22.04 20.35 13.03
CA HIS B 396 20.99 21.32 12.77
C HIS B 396 20.42 21.77 14.10
N ARG B 397 20.34 23.09 14.30
CA ARG B 397 19.93 23.60 15.61
C ARG B 397 18.56 24.26 15.51
N PRO B 398 17.49 23.57 15.85
CA PRO B 398 16.16 24.17 15.74
C PRO B 398 15.87 25.12 16.89
N LYS B 399 15.09 26.17 16.60
CA LYS B 399 14.64 27.07 17.67
C LYS B 399 13.77 26.35 18.68
N LEU B 400 12.86 25.50 18.23
CA LEU B 400 12.02 24.72 19.11
C LEU B 400 12.78 23.48 19.59
N GLU B 401 12.92 23.35 20.90
CA GLU B 401 13.58 22.22 21.55
C GLU B 401 12.50 21.66 22.45
N THR B 402 11.75 20.67 21.94
CA THR B 402 10.53 20.27 22.61
C THR B 402 10.44 18.75 22.78
N VAL B 403 9.58 18.37 23.73
CA VAL B 403 9.12 17.00 23.92
C VAL B 403 7.63 17.00 23.59
N ARG B 404 7.23 16.11 22.67
CA ARG B 404 5.86 16.08 22.19
C ARG B 404 5.08 14.99 22.94
N LEU B 405 3.99 15.40 23.61
CA LEU B 405 3.06 14.47 24.25
C LEU B 405 1.89 14.33 23.28
N THR B 406 1.95 13.33 22.39
CA THR B 406 1.02 13.21 21.29
C THR B 406 -0.09 12.24 21.70
N ILE B 407 -1.35 12.63 21.52
CA ILE B 407 -2.45 11.92 22.19
C ILE B 407 -3.22 11.11 21.13
N PRO B 408 -3.16 9.79 21.15
CA PRO B 408 -3.98 8.98 20.20
C PRO B 408 -5.46 9.20 20.51
N ARG B 409 -6.31 8.98 19.50
CA ARG B 409 -7.74 9.30 19.68
C ARG B 409 -8.45 8.10 20.29
N ARG B 410 -9.20 8.35 21.40
CA ARG B 410 -10.08 7.41 22.08
C ARG B 410 -9.35 6.29 22.81
N VAL B 411 -8.06 6.46 23.12
CA VAL B 411 -7.26 5.40 23.74
C VAL B 411 -7.11 5.60 25.25
N TYR B 412 -6.98 6.84 25.70
CA TYR B 412 -6.63 7.18 27.08
C TYR B 412 -7.77 7.95 27.74
N THR B 413 -7.71 8.04 29.06
CA THR B 413 -8.68 8.76 29.89
C THR B 413 -8.05 10.00 30.51
N TYR B 414 -8.87 10.75 31.28
CA TYR B 414 -8.29 11.87 32.01
C TYR B 414 -7.38 11.38 33.14
N ALA B 415 -7.60 10.17 33.63
CA ALA B 415 -6.72 9.69 34.68
C ALA B 415 -5.35 9.34 34.11
N HIS B 416 -5.28 8.87 32.84
CA HIS B 416 -3.98 8.73 32.19
C HIS B 416 -3.33 10.10 31.98
N MET B 417 -4.11 11.09 31.55
CA MET B 417 -3.60 12.46 31.46
C MET B 417 -3.04 12.93 32.80
N ASP B 418 -3.70 12.56 33.91
CA ASP B 418 -3.17 12.95 35.22
C ASP B 418 -1.84 12.27 35.52
N VAL B 419 -1.72 10.98 35.17
CA VAL B 419 -0.43 10.28 35.31
C VAL B 419 0.67 11.08 34.63
N VAL B 420 0.42 11.45 33.37
CA VAL B 420 1.38 12.22 32.58
C VAL B 420 1.69 13.55 33.26
N ALA B 421 0.66 14.33 33.55
CA ALA B 421 0.86 15.68 34.11
C ALA B 421 1.52 15.62 35.47
N ASP B 422 1.06 14.71 36.34
CA ASP B 422 1.60 14.65 37.69
C ASP B 422 3.07 14.31 37.66
N GLY B 423 3.45 13.37 36.78
CA GLY B 423 4.85 13.02 36.69
C GLY B 423 5.70 14.17 36.19
N ILE B 424 5.22 14.88 35.17
CA ILE B 424 5.97 16.01 34.62
C ILE B 424 6.10 17.13 35.64
N ILE B 425 5.03 17.39 36.40
CA ILE B 425 5.05 18.47 37.39
C ILE B 425 6.01 18.13 38.52
N LYS B 426 6.06 16.85 38.87
CA LYS B 426 7.02 16.43 39.89
C LYS B 426 8.44 16.62 39.39
N LEU B 427 8.70 16.23 38.13
CA LEU B 427 10.00 16.47 37.52
C LEU B 427 10.34 17.95 37.52
N TYR B 428 9.37 18.79 37.17
CA TYR B 428 9.61 20.23 37.07
C TYR B 428 9.99 20.83 38.41
N GLN B 429 9.45 20.26 39.48
CA GLN B 429 9.73 20.81 40.80
C GLN B 429 11.17 20.55 41.23
N HIS B 430 11.86 19.62 40.60
N HIS B 430 11.85 19.64 40.54
CA HIS B 430 13.31 19.51 40.81
CA HIS B 430 13.26 19.34 40.77
C HIS B 430 14.01 19.39 39.47
C HIS B 430 14.01 19.36 39.45
N LYS B 431 13.62 20.26 38.54
CA LYS B 431 14.12 20.21 37.16
C LYS B 431 15.63 20.32 37.07
N GLU B 432 16.26 21.03 38.02
CA GLU B 432 17.71 21.17 37.99
C GLU B 432 18.44 19.84 38.16
N ASP B 433 17.77 18.76 38.56
CA ASP B 433 18.43 17.45 38.70
C ASP B 433 18.51 16.68 37.39
N ILE B 434 17.82 17.11 36.35
CA ILE B 434 17.84 16.39 35.08
C ILE B 434 19.22 16.52 34.46
N ARG B 435 19.83 15.39 34.11
CA ARG B 435 21.19 15.37 33.61
C ARG B 435 21.24 15.50 32.09
N GLY B 436 22.33 16.09 31.61
CA GLY B 436 22.55 16.15 30.17
C GLY B 436 22.92 14.80 29.60
N LEU B 437 22.75 14.66 28.28
CA LEU B 437 23.06 13.42 27.55
C LEU B 437 24.14 13.65 26.52
N LYS B 438 24.86 12.59 26.19
CA LYS B 438 25.83 12.60 25.11
C LYS B 438 25.63 11.35 24.26
N PHE B 439 26.01 11.46 22.98
CA PHE B 439 25.93 10.29 22.11
C PHE B 439 26.90 9.23 22.58
N ILE B 440 26.48 7.98 22.57
CA ILE B 440 27.43 6.86 22.55
C ILE B 440 27.31 6.02 21.29
N TYR B 441 26.22 6.16 20.52
CA TYR B 441 26.13 5.63 19.17
C TYR B 441 25.27 6.58 18.35
N GLU B 442 25.76 7.03 17.21
CA GLU B 442 25.01 7.98 16.37
C GLU B 442 25.04 7.49 14.94
N PRO B 443 23.93 7.06 14.36
CA PRO B 443 23.95 6.61 12.97
C PRO B 443 24.09 7.80 12.04
N LYS B 444 24.45 7.51 10.79
CA LYS B 444 24.70 8.59 9.84
C LYS B 444 23.42 9.29 9.42
N GLN B 445 22.28 8.59 9.42
CA GLN B 445 21.03 9.19 9.01
C GLN B 445 19.93 8.66 9.91
N LEU B 446 18.79 9.34 9.89
CA LEU B 446 17.65 8.96 10.71
C LEU B 446 18.07 8.77 12.17
N ARG B 447 18.82 9.74 12.71
CA ARG B 447 19.52 9.50 13.96
C ARG B 447 18.58 9.44 15.16
N PHE B 448 17.41 10.08 15.11
CA PHE B 448 16.49 10.00 16.22
C PHE B 448 15.95 8.59 16.44
N PHE B 449 16.01 7.75 15.41
CA PHE B 449 15.34 6.46 15.43
C PHE B 449 16.16 5.43 16.21
N THR B 450 17.48 5.45 16.07
CA THR B 450 18.31 4.42 16.69
C THR B 450 19.51 4.94 17.47
N ALA B 451 19.65 6.26 17.66
CA ALA B 451 20.81 6.76 18.39
C ALA B 451 20.73 6.31 19.85
N ARG B 452 21.89 6.06 20.45
CA ARG B 452 21.95 5.73 21.86
CA ARG B 452 21.97 5.71 21.86
C ARG B 452 22.79 6.76 22.60
N PHE B 453 22.43 7.00 23.87
CA PHE B 453 23.06 8.04 24.68
C PHE B 453 23.51 7.48 26.03
N ASP B 454 24.26 8.30 26.75
CA ASP B 454 24.51 8.08 28.16
C ASP B 454 24.62 9.46 28.83
N TYR B 455 24.48 9.48 30.16
CA TYR B 455 24.51 10.74 30.91
C TYR B 455 25.89 11.35 30.86
N ILE B 456 25.91 12.67 30.87
CA ILE B 456 27.17 13.41 30.93
C ILE B 456 27.71 13.30 32.35
K K C . -6.80 -7.43 -0.48
C4 CQG D . 4.19 -35.78 -10.10
C3 CQG D . 3.08 -35.18 -10.56
C2 CQG D . 4.25 -33.75 -12.07
C1 CQG D . 5.45 -34.25 -11.71
O CQG D . 6.56 -35.80 -10.31
C CQG D . 5.49 -35.31 -10.67
N CQG D . 3.09 -34.20 -11.51
C4 CQG E . -1.38 -7.40 -12.20
C3 CQG E . -1.92 -6.97 -11.06
C2 CQG E . 0.05 -5.78 -10.38
C1 CQG E . 0.72 -6.12 -11.49
O CQG E . 0.60 -7.34 -13.51
C CQG E . 0.02 -6.98 -12.48
N CQG E . -1.25 -6.17 -10.16
O 0JO F . 0.13 -11.22 -10.41
C 0JO F . -0.51 -10.46 -9.81
OXT 0JO F . -1.69 -10.48 -9.82
CA 0JO F . 0.14 -9.50 -9.02
CB 0JO F . -0.44 -8.31 -8.57
N 0JO F . 1.40 -9.76 -8.63
C4A 0JO F . 2.16 -9.00 -7.96
C4 0JO F . 3.61 -9.23 -8.02
C3 0JO F . 4.12 -10.42 -8.54
O3 0JO F . 3.35 -11.41 -8.98
C2 0JO F . 5.50 -10.61 -8.61
C2A 0JO F . 6.06 -11.86 -9.17
N1 0JO F . 6.33 -9.66 -8.21
C6 0JO F . 5.84 -8.51 -7.71
C5 0JO F . 4.51 -8.24 -7.61
C5A 0JO F . 4.04 -6.95 -7.02
OP4 0JO F . 3.56 -7.16 -5.66
P 0JO F . 2.44 -6.27 -5.06
OP3 0JO F . 1.24 -6.52 -5.82
OP1 0JO F . 2.35 -6.68 -3.69
OP2 0JO F . 2.90 -4.91 -5.21
K K G . -0.65 1.64 13.33
C4 CQG H . 1.86 -4.72 25.19
C3 CQG H . 1.13 -3.85 25.88
C2 CQG H . 1.07 -2.21 24.15
C1 CQG H . 1.79 -2.98 23.33
O CQG H . 2.91 -5.05 23.11
C CQG H . 2.24 -4.31 23.81
N CQG H . 0.74 -2.64 25.40
O22 P33 I . -3.98 9.35 38.49
C21 P33 I . -5.38 9.21 38.47
C20 P33 I . -6.08 10.41 39.12
O19 P33 I . -7.44 10.47 38.75
C18 P33 I . -8.31 9.78 39.60
C17 P33 I . -9.30 10.72 40.31
O16 P33 I . -10.24 11.22 39.39
C15 P33 I . -10.55 12.58 39.59
C14 P33 I . -11.15 13.17 38.31
O13 P33 I . -11.17 14.58 38.34
C12 P33 I . -10.39 15.25 37.37
C11 P33 I . -10.79 14.84 35.94
O10 P33 I . -11.16 15.98 35.21
C9 P33 I . -12.15 15.75 34.23
C8 P33 I . -13.52 16.11 34.80
O7 P33 I . -14.49 16.15 33.78
C6 P33 I . -15.17 14.95 33.53
C5 P33 I . -16.56 14.89 34.18
O4 P33 I . -17.07 16.17 34.43
C3 P33 I . -18.48 16.25 34.44
C2 P33 I . -18.98 16.76 33.08
O1 P33 I . -18.54 18.07 32.84
#